data_5YUX
#
_entry.id   5YUX
#
_cell.length_a   86.070
_cell.length_b   57.090
_cell.length_c   109.990
_cell.angle_alpha   90.00
_cell.angle_beta   94.50
_cell.angle_gamma   90.00
#
_symmetry.space_group_name_H-M   'P 1 21 1'
#
loop_
_entity.id
_entity.type
_entity.pdbx_description
1 polymer 'DNA polymerase IV'
2 polymer DTN1
3 polymer DTN2
4 non-polymer "THYMIDINE-5'-TRIPHOSPHATE"
5 non-polymer 'MAGNESIUM ION'
6 non-polymer DIPHOSPHATE
7 water water
#
loop_
_entity_poly.entity_id
_entity_poly.type
_entity_poly.pdbx_seq_one_letter_code
_entity_poly.pdbx_strand_id
1 'polypeptide(L)'
;GSRKIIHVDMDCFFAAVEMRDNPALRDIPIAIGGSRERRGVISTANYPARKFGVRSAMPTGMALKLCPHLTLLPGRFDAY
KEASNHIREIFSRYTSRIEPLSLDEAYLDVTDSVHCHGSATLIAQEIRQTIFNELQLTASAGVAPVKFLAKIASDMNKPN
GQFVITPAEVPAFLQTLPLAKIPGVGKVSAAKLEAMGLRTCGDVQKCDLVMLLKRFGKFGRILWERSQGIDERDVNSERL
RKSVGVERTMAEDIHHWSECEAIIERLYPELERRLAKVKPDLLIARQGVKLKFDDFQQTTQEHVWPRLNKADLIATARKT
WDERRGGRGVRLVGLHVTLLDPQMERQLVLGL
;
F,A
2 'polydeoxyribonucleotide' (DT)(DC)(DT)(DA)(DG)(DG)(DG)(DT)(DC)(DC)(DT)(DA)(DG)(DG)(DA)(DC)(DC)(DC)(DT) G,B,C
3 'polydeoxyribonucleotide' (DT)(DC)(DT)(DG)(DG)(DG)(DT)(DC)(DC)(DT)(DA)(DG)(DG)(DA)(DC)(DC)(DC)(DT) H
#
# COMPACT_ATOMS: atom_id res chain seq x y z
N GLY A 1 14.68 -6.43 44.22
CA GLY A 1 14.05 -7.37 43.32
C GLY A 1 14.51 -7.29 41.86
N SER A 2 15.76 -6.92 41.66
CA SER A 2 16.29 -6.74 40.31
C SER A 2 16.98 -8.03 39.86
N ARG A 3 16.53 -8.58 38.73
CA ARG A 3 17.08 -9.82 38.19
C ARG A 3 18.44 -9.56 37.54
N LYS A 4 19.19 -10.63 37.35
CA LYS A 4 20.44 -10.60 36.59
C LYS A 4 20.31 -11.51 35.36
N ILE A 5 20.16 -10.91 34.18
CA ILE A 5 20.02 -11.66 32.93
C ILE A 5 21.31 -11.55 32.12
N ILE A 6 21.86 -12.70 31.70
CA ILE A 6 22.99 -12.73 30.78
C ILE A 6 22.50 -13.21 29.41
N HIS A 7 22.92 -12.53 28.35
CA HIS A 7 22.72 -13.04 27.01
C HIS A 7 24.09 -13.37 26.43
N VAL A 8 24.30 -14.64 26.05
CA VAL A 8 25.55 -15.10 25.47
C VAL A 8 25.30 -15.35 23.99
N ASP A 9 26.25 -14.94 23.16
CA ASP A 9 26.09 -14.94 21.70
C ASP A 9 27.41 -15.23 21.04
N MET A 10 27.50 -16.32 20.27
CA MET A 10 28.76 -16.67 19.63
C MET A 10 29.08 -15.68 18.52
N ASP A 11 30.37 -15.39 18.34
CA ASP A 11 30.81 -14.46 17.31
C ASP A 11 30.90 -15.18 15.95
N CYS A 12 30.31 -14.56 14.93
CA CYS A 12 30.34 -15.06 13.55
C CYS A 12 30.22 -16.58 13.50
N PHE A 13 29.20 -17.09 14.20
CA PHE A 13 29.18 -18.49 14.62
C PHE A 13 29.58 -19.47 13.50
N PHE A 14 28.80 -19.54 12.42
CA PHE A 14 29.12 -20.54 11.38
C PHE A 14 30.54 -20.33 10.84
N ALA A 15 30.87 -19.08 10.51
CA ALA A 15 32.22 -18.79 10.00
C ALA A 15 33.28 -19.14 11.02
N ALA A 16 33.06 -18.77 12.29
CA ALA A 16 34.05 -19.04 13.34
C ALA A 16 34.34 -20.53 13.42
N VAL A 17 33.31 -21.37 13.28
CA VAL A 17 33.52 -22.82 13.32
C VAL A 17 34.37 -23.27 12.13
N GLU A 18 34.13 -22.70 10.93
CA GLU A 18 34.87 -23.14 9.76
C GLU A 18 36.33 -22.68 9.79
N MET A 19 36.61 -21.54 10.43
CA MET A 19 38.00 -21.09 10.59
C MET A 19 38.74 -21.93 11.62
N ARG A 20 38.06 -22.30 12.71
CA ARG A 20 38.65 -23.23 13.66
C ARG A 20 39.03 -24.53 12.98
N ASP A 21 38.08 -25.14 12.26
CA ASP A 21 38.33 -26.43 11.61
C ASP A 21 39.18 -26.32 10.35
N ASN A 22 39.45 -25.11 9.84
CA ASN A 22 40.35 -24.95 8.70
C ASN A 22 41.09 -23.63 8.84
N PRO A 23 42.23 -23.63 9.54
CA PRO A 23 42.93 -22.35 9.80
C PRO A 23 43.27 -21.57 8.54
N ALA A 24 43.24 -22.20 7.37
CA ALA A 24 43.51 -21.49 6.13
C ALA A 24 42.50 -20.38 5.86
N LEU A 25 41.31 -20.47 6.44
CA LEU A 25 40.24 -19.51 6.17
C LEU A 25 40.28 -18.32 7.11
N ARG A 26 41.21 -18.30 8.07
CA ARG A 26 41.20 -17.30 9.13
C ARG A 26 41.27 -15.88 8.58
N ASP A 27 42.19 -15.63 7.66
CA ASP A 27 42.54 -14.27 7.29
C ASP A 27 42.05 -13.86 5.91
N ILE A 28 41.30 -14.72 5.23
CA ILE A 28 40.74 -14.38 3.93
C ILE A 28 39.23 -14.19 4.12
N PRO A 29 38.56 -13.41 3.27
CA PRO A 29 37.12 -13.23 3.40
C PRO A 29 36.36 -14.51 3.03
N ILE A 30 35.57 -15.01 3.97
CA ILE A 30 34.76 -16.21 3.76
C ILE A 30 33.32 -15.93 4.19
N ALA A 31 32.40 -16.72 3.66
CA ALA A 31 31.01 -16.62 4.06
C ALA A 31 30.36 -17.98 3.84
N ILE A 32 29.47 -18.35 4.75
CA ILE A 32 28.60 -19.51 4.54
C ILE A 32 27.34 -19.03 3.83
N GLY A 33 27.08 -19.59 2.66
CA GLY A 33 25.89 -19.21 1.91
C GLY A 33 25.84 -19.97 0.59
N GLY A 34 24.64 -20.01 0.01
CA GLY A 34 24.45 -20.64 -1.29
C GLY A 34 25.09 -19.84 -2.42
N SER A 35 25.53 -20.56 -3.44
CA SER A 35 26.21 -19.92 -4.54
C SER A 35 25.27 -18.98 -5.29
N ARG A 36 25.88 -18.06 -6.05
CA ARG A 36 25.12 -17.20 -6.95
C ARG A 36 24.31 -18.02 -7.94
N GLU A 37 24.89 -19.12 -8.43
CA GLU A 37 24.17 -20.00 -9.34
C GLU A 37 23.01 -20.72 -8.64
N ARG A 38 23.10 -20.93 -7.34
CA ARG A 38 21.97 -21.51 -6.62
C ARG A 38 20.99 -20.44 -6.14
N ARG A 39 21.22 -19.18 -6.52
CA ARG A 39 20.40 -18.04 -6.07
C ARG A 39 20.41 -17.93 -4.54
N GLY A 40 21.58 -18.13 -3.95
CA GLY A 40 21.69 -18.21 -2.51
C GLY A 40 21.86 -16.84 -1.84
N VAL A 41 21.83 -16.86 -0.51
CA VAL A 41 22.14 -15.69 0.29
C VAL A 41 23.21 -16.09 1.30
N ILE A 42 23.80 -15.06 1.90
CA ILE A 42 24.82 -15.23 2.93
C ILE A 42 24.14 -15.58 4.24
N SER A 43 24.55 -16.70 4.85
CA SER A 43 24.10 -16.97 6.20
C SER A 43 24.88 -16.16 7.21
N THR A 44 26.21 -16.16 7.06
CA THR A 44 27.07 -15.26 7.83
C THR A 44 28.41 -15.18 7.14
N ALA A 45 29.21 -14.20 7.54
CA ALA A 45 30.55 -14.01 7.02
C ALA A 45 31.50 -13.73 8.17
N ASN A 46 32.80 -13.92 7.90
CA ASN A 46 33.81 -13.57 8.88
C ASN A 46 34.14 -12.08 8.78
N TYR A 47 35.06 -11.61 9.63
CA TYR A 47 35.33 -10.18 9.69
C TYR A 47 36.09 -9.71 8.44
N PRO A 48 37.03 -10.48 7.90
CA PRO A 48 37.60 -10.08 6.59
C PRO A 48 36.56 -9.84 5.51
N ALA A 49 35.51 -10.68 5.42
CA ALA A 49 34.43 -10.42 4.47
C ALA A 49 33.55 -9.24 4.88
N ARG A 50 33.20 -9.12 6.17
CA ARG A 50 32.37 -8.01 6.63
C ARG A 50 33.01 -6.66 6.34
N LYS A 51 34.35 -6.58 6.34
CA LYS A 51 35.02 -5.32 6.02
C LYS A 51 34.60 -4.81 4.63
N PHE A 52 34.27 -5.73 3.73
CA PHE A 52 33.80 -5.36 2.40
C PHE A 52 32.32 -5.00 2.38
N GLY A 53 31.59 -5.16 3.50
CA GLY A 53 30.16 -4.96 3.51
C GLY A 53 29.34 -6.24 3.46
N VAL A 54 29.97 -7.41 3.44
CA VAL A 54 29.23 -8.66 3.38
C VAL A 54 28.47 -8.85 4.69
N ARG A 55 27.17 -9.17 4.60
CA ARG A 55 26.30 -9.27 5.77
C ARG A 55 25.36 -10.47 5.63
N SER A 56 24.87 -10.97 6.77
CA SER A 56 23.85 -12.02 6.76
C SER A 56 22.61 -11.53 6.02
N ALA A 57 21.96 -12.44 5.28
CA ALA A 57 20.75 -12.20 4.49
C ALA A 57 21.07 -11.46 3.20
N MET A 58 22.32 -11.11 2.93
CA MET A 58 22.60 -10.45 1.66
C MET A 58 22.61 -11.47 0.53
N PRO A 59 21.95 -11.17 -0.59
CA PRO A 59 22.07 -12.04 -1.78
C PRO A 59 23.53 -12.28 -2.12
N THR A 60 23.84 -13.54 -2.45
CA THR A 60 25.24 -13.90 -2.66
C THR A 60 25.82 -13.15 -3.87
N GLY A 61 25.02 -12.86 -4.87
CA GLY A 61 25.50 -12.03 -5.98
C GLY A 61 25.89 -10.64 -5.52
N MET A 62 25.15 -10.08 -4.55
CA MET A 62 25.54 -8.78 -4.03
C MET A 62 26.82 -8.88 -3.20
N ALA A 63 26.92 -9.92 -2.36
CA ALA A 63 28.13 -10.17 -1.58
C ALA A 63 29.37 -10.27 -2.46
N LEU A 64 29.22 -10.93 -3.61
CA LEU A 64 30.35 -11.16 -4.50
C LEU A 64 30.74 -9.90 -5.27
N LYS A 65 29.78 -9.01 -5.55
CA LYS A 65 30.14 -7.74 -6.16
C LYS A 65 30.86 -6.85 -5.16
N LEU A 66 30.50 -6.93 -3.88
CA LEU A 66 31.21 -6.17 -2.87
C LEU A 66 32.58 -6.76 -2.60
N CYS A 67 32.70 -8.09 -2.67
CA CYS A 67 33.91 -8.79 -2.24
C CYS A 67 34.21 -9.90 -3.25
N PRO A 68 34.83 -9.55 -4.38
CA PRO A 68 35.01 -10.55 -5.45
C PRO A 68 35.79 -11.80 -5.05
N HIS A 69 36.69 -11.73 -4.07
CA HIS A 69 37.44 -12.91 -3.67
C HIS A 69 36.76 -13.67 -2.54
N LEU A 70 35.51 -13.37 -2.27
CA LEU A 70 34.81 -14.04 -1.17
C LEU A 70 34.84 -15.55 -1.38
N THR A 71 35.19 -16.30 -0.33
CA THR A 71 35.20 -17.75 -0.40
C THR A 71 33.89 -18.25 0.17
N LEU A 72 33.16 -19.01 -0.64
CA LEU A 72 31.81 -19.42 -0.33
C LEU A 72 31.84 -20.84 0.22
N LEU A 73 31.17 -21.05 1.36
CA LEU A 73 31.17 -22.38 1.97
C LEU A 73 29.74 -22.89 2.15
N PRO A 74 29.52 -24.19 2.05
CA PRO A 74 28.14 -24.70 2.11
C PRO A 74 27.58 -24.83 3.51
N GLY A 75 28.44 -25.03 4.50
CA GLY A 75 27.92 -25.18 5.84
C GLY A 75 27.91 -26.62 6.31
N ARG A 76 28.29 -26.83 7.57
CA ARG A 76 28.38 -28.16 8.16
C ARG A 76 27.53 -28.12 9.43
N PHE A 77 26.23 -28.39 9.27
CA PHE A 77 25.31 -28.10 10.35
C PHE A 77 25.49 -29.02 11.55
N ASP A 78 25.97 -30.25 11.34
CA ASP A 78 26.29 -31.09 12.49
C ASP A 78 27.45 -30.51 13.29
N ALA A 79 28.42 -29.87 12.62
CA ALA A 79 29.48 -29.20 13.35
C ALA A 79 28.94 -28.04 14.16
N TYR A 80 28.00 -27.27 13.60
CA TYR A 80 27.42 -26.18 14.36
C TYR A 80 26.58 -26.69 15.52
N LYS A 81 25.80 -27.75 15.27
CA LYS A 81 24.96 -28.30 16.33
C LYS A 81 25.80 -28.85 17.48
N GLU A 82 26.96 -29.43 17.15
CA GLU A 82 27.86 -29.94 18.16
C GLU A 82 28.40 -28.81 19.04
N ALA A 83 28.84 -27.72 18.43
CA ALA A 83 29.32 -26.60 19.24
C ALA A 83 28.19 -26.01 20.07
N SER A 84 26.98 -25.95 19.50
CA SER A 84 25.81 -25.49 20.23
C SER A 84 25.58 -26.35 21.47
N ASN A 85 25.53 -27.66 21.30
CA ASN A 85 25.33 -28.53 22.45
C ASN A 85 26.38 -28.27 23.52
N HIS A 86 27.63 -28.09 23.10
CA HIS A 86 28.72 -27.89 24.04
C HIS A 86 28.53 -26.59 24.83
N ILE A 87 28.20 -25.48 24.15
CA ILE A 87 28.07 -24.25 24.92
C ILE A 87 26.85 -24.33 25.85
N ARG A 88 25.80 -25.02 25.43
CA ARG A 88 24.64 -25.17 26.31
C ARG A 88 25.00 -25.98 27.54
N GLU A 89 25.84 -27.00 27.37
CA GLU A 89 26.32 -27.73 28.52
C GLU A 89 27.20 -26.84 29.39
N ILE A 90 28.05 -26.00 28.78
CA ILE A 90 28.81 -25.04 29.58
C ILE A 90 27.86 -24.12 30.36
N PHE A 91 26.76 -23.69 29.73
CA PHE A 91 25.78 -22.87 30.45
C PHE A 91 25.23 -23.61 31.67
N SER A 92 24.97 -24.92 31.52
CA SER A 92 24.34 -25.67 32.60
C SER A 92 25.22 -25.76 33.84
N ARG A 93 26.54 -25.66 33.69
CA ARG A 93 27.41 -25.67 34.87
C ARG A 93 27.17 -24.47 35.77
N TYR A 94 26.52 -23.42 35.26
CA TYR A 94 26.30 -22.21 36.02
C TYR A 94 24.88 -22.01 36.50
N THR A 95 23.89 -22.54 35.77
CA THR A 95 22.48 -22.40 36.11
C THR A 95 21.68 -23.33 35.22
N SER A 96 20.53 -23.76 35.72
CA SER A 96 19.54 -24.44 34.89
C SER A 96 18.58 -23.48 34.22
N ARG A 97 18.67 -22.18 34.54
CA ARG A 97 17.79 -21.15 33.98
C ARG A 97 18.37 -20.68 32.64
N ILE A 98 18.18 -21.51 31.61
CA ILE A 98 18.78 -21.34 30.29
C ILE A 98 17.69 -21.35 29.24
N GLU A 99 17.56 -20.27 28.49
CA GLU A 99 16.61 -20.24 27.38
C GLU A 99 17.38 -20.05 26.09
N PRO A 100 17.69 -21.11 25.37
CA PRO A 100 18.34 -20.95 24.06
C PRO A 100 17.39 -20.28 23.09
N LEU A 101 17.94 -19.35 22.31
CA LEU A 101 17.18 -18.63 21.29
C LEU A 101 17.48 -19.09 19.88
N SER A 102 18.52 -19.90 19.71
CA SER A 102 19.01 -20.37 18.43
C SER A 102 20.20 -21.23 18.77
N LEU A 103 20.88 -21.80 17.76
CA LEU A 103 22.06 -22.60 18.04
C LEU A 103 23.07 -21.84 18.91
N ASP A 104 23.32 -20.58 18.58
CA ASP A 104 24.53 -19.92 19.06
C ASP A 104 24.28 -18.94 20.19
N GLU A 105 23.11 -18.97 20.82
CA GLU A 105 22.83 -17.96 21.82
C GLU A 105 21.77 -18.44 22.80
N ALA A 106 21.85 -17.90 24.00
CA ALA A 106 20.93 -18.23 25.09
C ALA A 106 20.81 -17.03 26.02
N TYR A 107 19.65 -16.89 26.63
CA TYR A 107 19.53 -16.13 27.87
C TYR A 107 19.85 -17.03 29.05
N LEU A 108 20.48 -16.43 30.07
CA LEU A 108 20.69 -17.06 31.36
C LEU A 108 20.11 -16.16 32.45
N ASP A 109 19.36 -16.74 33.38
CA ASP A 109 18.91 -16.01 34.55
C ASP A 109 19.82 -16.46 35.70
N VAL A 110 20.75 -15.60 36.10
CA VAL A 110 21.69 -15.93 37.16
C VAL A 110 21.37 -15.15 38.44
N THR A 111 20.15 -14.62 38.52
CA THR A 111 19.71 -13.88 39.70
C THR A 111 19.99 -14.65 40.99
N ASP A 112 19.75 -15.95 40.98
CA ASP A 112 19.93 -16.79 42.15
C ASP A 112 21.23 -17.57 42.10
N SER A 113 22.22 -17.12 41.34
CA SER A 113 23.46 -17.86 41.23
C SER A 113 24.41 -17.57 42.39
N VAL A 114 25.12 -18.63 42.81
CA VAL A 114 26.15 -18.53 43.85
C VAL A 114 27.56 -18.40 43.27
N HIS A 115 27.73 -18.66 41.97
CA HIS A 115 29.06 -18.56 41.36
C HIS A 115 29.55 -17.11 41.37
N CYS A 116 30.87 -16.96 41.38
CA CYS A 116 31.56 -15.68 41.21
C CYS A 116 30.95 -14.59 42.09
N HIS A 117 30.78 -14.93 43.38
CA HIS A 117 30.24 -14.01 44.39
C HIS A 117 28.94 -13.35 43.93
N GLY A 118 28.14 -14.07 43.13
CA GLY A 118 26.93 -13.49 42.57
C GLY A 118 27.16 -12.44 41.52
N SER A 119 28.39 -12.24 41.07
CA SER A 119 28.68 -11.27 40.02
C SER A 119 28.25 -11.83 38.68
N ALA A 120 27.22 -11.24 38.09
CA ALA A 120 26.81 -11.63 36.75
C ALA A 120 27.87 -11.24 35.72
N THR A 121 28.57 -10.13 35.95
CA THR A 121 29.68 -9.74 35.09
C THR A 121 30.74 -10.83 35.08
N LEU A 122 31.12 -11.32 36.26
CA LEU A 122 32.21 -12.30 36.33
C LEU A 122 31.75 -13.67 35.81
N ILE A 123 30.47 -13.99 35.97
CA ILE A 123 29.96 -15.24 35.41
C ILE A 123 30.01 -15.21 33.89
N ALA A 124 29.55 -14.11 33.30
CA ALA A 124 29.58 -14.00 31.84
C ALA A 124 31.00 -14.09 31.31
N GLN A 125 31.96 -13.56 32.07
CA GLN A 125 33.35 -13.63 31.65
C GLN A 125 33.89 -15.05 31.78
N GLU A 126 33.58 -15.75 32.88
CA GLU A 126 33.97 -17.14 33.02
C GLU A 126 33.39 -18.00 31.91
N ILE A 127 32.11 -17.79 31.61
CA ILE A 127 31.45 -18.56 30.56
C ILE A 127 32.12 -18.32 29.22
N ARG A 128 32.42 -17.06 28.90
CA ARG A 128 33.05 -16.79 27.61
C ARG A 128 34.46 -17.37 27.58
N GLN A 129 35.17 -17.31 28.70
CA GLN A 129 36.51 -17.87 28.75
C GLN A 129 36.46 -19.38 28.61
N THR A 130 35.51 -20.01 29.30
CA THR A 130 35.38 -21.46 29.20
C THR A 130 35.06 -21.89 27.77
N ILE A 131 34.14 -21.17 27.11
CA ILE A 131 33.81 -21.50 25.73
C ILE A 131 35.07 -21.42 24.86
N PHE A 132 35.83 -20.34 25.02
CA PHE A 132 37.07 -20.24 24.29
C PHE A 132 38.01 -21.38 24.64
N ASN A 133 38.13 -21.71 25.93
CA ASN A 133 39.10 -22.73 26.32
C ASN A 133 38.71 -24.10 25.77
N GLU A 134 37.43 -24.42 25.70
CA GLU A 134 37.01 -25.77 25.35
C GLU A 134 36.58 -25.92 23.89
N LEU A 135 36.18 -24.85 23.21
CA LEU A 135 35.77 -24.95 21.83
C LEU A 135 36.66 -24.17 20.87
N GLN A 136 37.58 -23.34 21.38
CA GLN A 136 38.41 -22.45 20.55
C GLN A 136 37.56 -21.58 19.65
N LEU A 137 36.40 -21.18 20.18
CA LEU A 137 35.52 -20.20 19.54
C LEU A 137 35.26 -19.09 20.55
N THR A 138 35.08 -17.86 20.07
CA THR A 138 34.86 -16.75 20.98
C THR A 138 33.37 -16.41 21.04
N ALA A 139 32.97 -15.90 22.19
CA ALA A 139 31.61 -15.46 22.40
C ALA A 139 31.63 -14.08 23.02
N SER A 140 30.57 -13.35 22.80
CA SER A 140 30.34 -12.07 23.44
C SER A 140 29.16 -12.22 24.39
N ALA A 141 28.98 -11.24 25.27
CA ALA A 141 27.89 -11.36 26.21
C ALA A 141 27.33 -10.01 26.60
N GLY A 142 26.08 -10.03 27.01
CA GLY A 142 25.42 -8.85 27.56
C GLY A 142 24.82 -9.20 28.90
N VAL A 143 24.93 -8.24 29.83
CA VAL A 143 24.42 -8.39 31.20
C VAL A 143 23.49 -7.21 31.46
N ALA A 144 22.27 -7.49 31.93
CA ALA A 144 21.29 -6.43 32.14
C ALA A 144 20.22 -6.96 33.09
N PRO A 145 19.32 -6.10 33.59
CA PRO A 145 18.26 -6.57 34.50
C PRO A 145 17.09 -7.23 33.80
N VAL A 146 16.99 -7.15 32.47
CA VAL A 146 15.92 -7.78 31.70
C VAL A 146 16.49 -8.34 30.41
N LYS A 147 15.70 -9.21 29.76
CA LYS A 147 16.16 -9.94 28.59
C LYS A 147 16.61 -9.00 27.47
N PHE A 148 15.73 -8.10 27.00
CA PHE A 148 16.01 -7.41 25.75
C PHE A 148 17.21 -6.51 25.89
N LEU A 149 17.38 -5.88 27.06
CA LEU A 149 18.56 -5.05 27.27
C LEU A 149 19.82 -5.90 27.26
N ALA A 150 19.74 -7.11 27.82
CA ALA A 150 20.90 -8.01 27.80
C ALA A 150 21.24 -8.42 26.37
N LYS A 151 20.22 -8.65 25.55
CA LYS A 151 20.46 -9.03 24.16
C LYS A 151 21.09 -7.88 23.39
N ILE A 152 20.61 -6.65 23.60
CA ILE A 152 21.25 -5.49 22.97
C ILE A 152 22.69 -5.36 23.45
N ALA A 153 22.91 -5.57 24.75
CA ALA A 153 24.23 -5.38 25.32
C ALA A 153 25.26 -6.35 24.75
N SER A 154 24.84 -7.55 24.33
CA SER A 154 25.82 -8.50 23.86
C SER A 154 26.36 -8.11 22.49
N ASP A 155 25.66 -7.25 21.75
CA ASP A 155 26.19 -6.73 20.50
C ASP A 155 27.16 -5.58 20.68
N MET A 156 27.12 -4.89 21.82
CA MET A 156 27.84 -3.62 21.88
C MET A 156 29.34 -3.79 22.00
N ASN A 157 29.82 -4.94 22.43
CA ASN A 157 31.25 -5.13 22.61
C ASN A 157 31.72 -6.37 21.87
N LYS A 158 31.05 -6.69 20.75
CA LYS A 158 31.44 -7.75 19.85
C LYS A 158 32.59 -7.32 18.97
N PRO A 159 33.51 -8.24 18.66
CA PRO A 159 33.51 -9.64 19.10
C PRO A 159 34.34 -9.87 20.35
N ASN A 160 34.13 -11.02 21.00
CA ASN A 160 34.95 -11.42 22.13
C ASN A 160 35.02 -10.32 23.19
N GLY A 161 33.84 -9.84 23.60
CA GLY A 161 33.76 -8.85 24.66
C GLY A 161 32.39 -8.95 25.29
N GLN A 162 32.14 -8.10 26.28
CA GLN A 162 30.84 -8.07 26.91
C GLN A 162 30.52 -6.65 27.36
N PHE A 163 29.27 -6.42 27.72
CA PHE A 163 28.80 -5.10 28.11
C PHE A 163 27.75 -5.27 29.19
N VAL A 164 27.86 -4.50 30.27
CA VAL A 164 26.96 -4.60 31.43
C VAL A 164 26.13 -3.32 31.52
N ILE A 165 24.83 -3.48 31.70
CA ILE A 165 23.91 -2.37 31.90
C ILE A 165 23.29 -2.53 33.29
N THR A 166 23.59 -1.60 34.21
CA THR A 166 23.05 -1.58 35.57
C THR A 166 21.71 -0.84 35.59
N PRO A 167 20.89 -1.07 36.62
CA PRO A 167 19.60 -0.34 36.67
C PRO A 167 19.79 1.16 36.63
N ALA A 168 20.83 1.67 37.27
CA ALA A 168 21.08 3.12 37.26
C ALA A 168 21.47 3.61 35.87
N GLU A 169 22.11 2.77 35.07
CA GLU A 169 22.46 3.12 33.69
C GLU A 169 21.28 3.05 32.72
N VAL A 170 20.16 2.42 33.09
CA VAL A 170 19.13 2.12 32.11
C VAL A 170 18.50 3.36 31.49
N PRO A 171 18.10 4.39 32.24
CA PRO A 171 17.47 5.56 31.60
C PRO A 171 18.36 6.27 30.57
N ALA A 172 19.65 6.45 30.86
CA ALA A 172 20.53 7.09 29.88
C ALA A 172 20.70 6.20 28.66
N PHE A 173 20.76 4.89 28.86
CA PHE A 173 20.90 3.98 27.74
C PHE A 173 19.67 4.01 26.83
N LEU A 174 18.48 3.99 27.42
CA LEU A 174 17.24 4.02 26.65
C LEU A 174 17.09 5.32 25.86
N GLN A 175 17.56 6.43 26.41
CA GLN A 175 17.17 7.75 25.91
C GLN A 175 17.39 7.87 24.41
N THR A 176 18.58 7.48 23.95
CA THR A 176 18.93 7.57 22.54
C THR A 176 18.99 6.20 21.86
N LEU A 177 18.42 5.17 22.46
CA LEU A 177 18.47 3.85 21.84
C LEU A 177 17.53 3.79 20.64
N PRO A 178 18.02 3.44 19.44
CA PRO A 178 17.12 3.31 18.29
C PRO A 178 16.09 2.21 18.52
N LEU A 179 14.84 2.51 18.17
CA LEU A 179 13.81 1.49 18.29
C LEU A 179 14.18 0.22 17.53
N ALA A 180 14.81 0.38 16.36
CA ALA A 180 15.18 -0.77 15.54
C ALA A 180 16.10 -1.73 16.28
N LYS A 181 16.79 -1.27 17.33
CA LYS A 181 17.64 -2.18 18.08
C LYS A 181 16.86 -3.12 19.00
N ILE A 182 15.59 -2.83 19.27
CA ILE A 182 14.80 -3.75 20.10
C ILE A 182 14.48 -5.02 19.31
N PRO A 183 14.80 -6.20 19.84
CA PRO A 183 14.45 -7.43 19.12
C PRO A 183 12.95 -7.51 18.91
N GLY A 184 12.54 -7.72 17.66
CA GLY A 184 11.12 -7.75 17.31
C GLY A 184 10.63 -6.46 16.68
N VAL A 185 11.41 -5.40 16.74
CA VAL A 185 11.14 -4.20 15.95
C VAL A 185 12.04 -4.33 14.72
N GLY A 186 11.43 -4.66 13.60
CA GLY A 186 12.16 -4.89 12.36
C GLY A 186 12.07 -3.71 11.42
N LYS A 187 12.44 -3.97 10.16
CA LYS A 187 12.54 -2.91 9.17
C LYS A 187 11.19 -2.25 8.91
N VAL A 188 10.12 -3.05 8.85
CA VAL A 188 8.81 -2.51 8.54
C VAL A 188 8.30 -1.66 9.69
N SER A 189 8.46 -2.16 10.91
CA SER A 189 8.00 -1.40 12.07
C SER A 189 8.86 -0.16 12.26
N ALA A 190 10.17 -0.27 12.09
CA ALA A 190 11.02 0.90 12.28
C ALA A 190 10.67 1.99 11.30
N ALA A 191 10.29 1.61 10.06
CA ALA A 191 9.93 2.60 9.06
C ALA A 191 8.58 3.25 9.37
N LYS A 192 7.62 2.46 9.84
CA LYS A 192 6.35 3.03 10.30
C LYS A 192 6.58 3.97 11.48
N LEU A 193 7.40 3.56 12.44
CA LEU A 193 7.66 4.40 13.60
C LEU A 193 8.41 5.67 13.19
N GLU A 194 9.34 5.54 12.24
CA GLU A 194 10.09 6.70 11.76
C GLU A 194 9.16 7.72 11.11
N ALA A 195 8.17 7.26 10.35
CA ALA A 195 7.33 8.19 9.63
C ALA A 195 6.30 8.86 10.53
N MET A 196 6.15 8.43 11.78
CA MET A 196 5.43 9.22 12.75
C MET A 196 6.37 9.94 13.72
N GLY A 197 7.65 10.07 13.36
CA GLY A 197 8.59 10.83 14.15
C GLY A 197 9.17 10.09 15.34
N LEU A 198 9.07 8.78 15.39
CA LEU A 198 9.52 7.99 16.52
C LEU A 198 10.74 7.18 16.10
N ARG A 199 11.91 7.59 16.56
CA ARG A 199 13.16 6.93 16.20
C ARG A 199 13.77 6.15 17.34
N THR A 200 13.66 6.67 18.56
CA THR A 200 14.33 6.14 19.73
C THR A 200 13.33 5.86 20.84
N CYS A 201 13.79 5.12 21.84
CA CYS A 201 12.99 4.86 23.02
C CYS A 201 12.62 6.16 23.73
N GLY A 202 13.53 7.13 23.72
CA GLY A 202 13.21 8.43 24.29
C GLY A 202 12.06 9.11 23.57
N ASP A 203 11.96 8.95 22.24
CA ASP A 203 10.80 9.45 21.52
C ASP A 203 9.52 8.74 21.97
N VAL A 204 9.60 7.44 22.19
CA VAL A 204 8.40 6.68 22.54
C VAL A 204 7.98 6.98 23.97
N GLN A 205 8.93 7.32 24.83
CA GLN A 205 8.59 7.69 26.21
C GLN A 205 7.62 8.86 26.26
N LYS A 206 7.76 9.81 25.35
CA LYS A 206 6.85 10.95 25.26
C LYS A 206 5.53 10.61 24.59
N CYS A 207 5.21 9.33 24.44
CA CYS A 207 4.00 8.89 23.76
C CYS A 207 3.01 8.31 24.76
N ASP A 208 1.73 8.46 24.45
CA ASP A 208 0.65 7.90 25.24
C ASP A 208 0.44 6.43 24.90
N LEU A 209 0.35 5.59 25.94
CA LEU A 209 0.09 4.17 25.75
C LEU A 209 -1.18 3.92 24.95
N VAL A 210 -2.23 4.71 25.20
CA VAL A 210 -3.50 4.48 24.52
C VAL A 210 -3.32 4.66 23.01
N MET A 211 -2.64 5.73 22.61
CA MET A 211 -2.39 5.94 21.19
C MET A 211 -1.59 4.78 20.60
N LEU A 212 -0.57 4.31 21.32
CA LEU A 212 0.25 3.21 20.82
C LEU A 212 -0.56 1.93 20.67
N LEU A 213 -1.52 1.70 21.56
CA LEU A 213 -2.37 0.53 21.46
C LEU A 213 -3.28 0.62 20.24
N LYS A 214 -3.88 1.79 20.00
CA LYS A 214 -4.72 1.95 18.83
C LYS A 214 -3.90 1.76 17.56
N ARG A 215 -2.72 2.38 17.50
CA ARG A 215 -1.91 2.42 16.30
C ARG A 215 -1.14 1.12 16.04
N PHE A 216 -0.93 0.27 17.05
CA PHE A 216 -0.14 -0.94 16.85
C PHE A 216 -0.69 -2.16 17.56
N GLY A 217 -1.81 -2.06 18.27
CA GLY A 217 -2.27 -3.22 19.00
C GLY A 217 -1.30 -3.60 20.10
N LYS A 218 -1.23 -4.90 20.37
CA LYS A 218 -0.39 -5.39 21.45
C LYS A 218 1.07 -5.08 21.21
N PHE A 219 1.48 -4.96 19.95
CA PHE A 219 2.83 -4.50 19.68
C PHE A 219 3.07 -3.12 20.27
N GLY A 220 2.03 -2.27 20.27
CA GLY A 220 2.19 -0.94 20.82
C GLY A 220 2.46 -0.97 22.32
N ARG A 221 1.85 -1.92 23.03
CA ARG A 221 2.16 -2.08 24.44
C ARG A 221 3.62 -2.52 24.63
N ILE A 222 4.09 -3.45 23.79
CA ILE A 222 5.48 -3.87 23.86
C ILE A 222 6.41 -2.67 23.65
N LEU A 223 6.14 -1.86 22.63
CA LEU A 223 6.96 -0.69 22.36
C LEU A 223 6.98 0.25 23.55
N TRP A 224 5.80 0.53 24.09
CA TRP A 224 5.71 1.39 25.26
C TRP A 224 6.53 0.83 26.43
N GLU A 225 6.41 -0.47 26.70
CA GLU A 225 7.15 -1.06 27.83
C GLU A 225 8.65 -0.99 27.60
N ARG A 226 9.11 -1.52 26.45
CA ARG A 226 10.54 -1.62 26.17
C ARG A 226 11.21 -0.25 26.24
N SER A 227 10.55 0.78 25.71
CA SER A 227 11.09 2.13 25.73
C SER A 227 11.33 2.63 27.13
N GLN A 228 10.85 1.90 28.14
CA GLN A 228 11.03 2.26 29.53
C GLN A 228 11.90 1.27 30.27
N GLY A 229 12.53 0.34 29.55
CA GLY A 229 13.25 -0.73 30.19
C GLY A 229 12.37 -1.80 30.78
N ILE A 230 11.06 -1.77 30.53
CA ILE A 230 10.16 -2.76 31.13
C ILE A 230 10.20 -3.99 30.25
N ASP A 231 10.55 -5.12 30.85
CA ASP A 231 10.57 -6.38 30.14
C ASP A 231 10.49 -7.47 31.21
N GLU A 232 9.27 -7.88 31.52
CA GLU A 232 9.03 -8.86 32.57
C GLU A 232 9.12 -10.30 32.09
N ARG A 233 9.44 -10.52 30.82
CA ARG A 233 9.49 -11.89 30.31
C ARG A 233 10.50 -12.72 31.08
N ASP A 234 10.06 -13.85 31.58
CA ASP A 234 10.93 -14.70 32.38
C ASP A 234 11.77 -15.56 31.46
N VAL A 235 12.99 -15.89 31.92
CA VAL A 235 13.79 -16.88 31.21
C VAL A 235 13.06 -18.22 31.32
N ASN A 236 12.78 -18.85 30.19
CA ASN A 236 11.95 -20.05 30.15
C ASN A 236 12.80 -21.16 29.58
N SER A 237 13.14 -22.13 30.42
CA SER A 237 13.94 -23.27 30.02
C SER A 237 13.13 -24.42 29.46
N GLU A 238 11.84 -24.22 29.16
CA GLU A 238 10.97 -25.34 28.81
C GLU A 238 10.30 -25.20 27.45
N ARG A 239 10.86 -24.38 26.56
CA ARG A 239 10.25 -24.20 25.26
C ARG A 239 10.47 -25.43 24.39
N LEU A 240 9.46 -25.74 23.57
CA LEU A 240 9.49 -26.92 22.73
C LEU A 240 9.24 -26.53 21.29
N ARG A 241 9.83 -27.32 20.39
CA ARG A 241 9.66 -27.14 18.95
C ARG A 241 8.21 -27.41 18.54
N LYS A 242 7.69 -26.56 17.64
CA LYS A 242 6.29 -26.66 17.22
C LYS A 242 6.10 -27.07 15.78
N SER A 243 7.13 -27.00 14.94
CA SER A 243 6.97 -27.27 13.53
C SER A 243 8.27 -27.87 13.00
N VAL A 244 8.18 -28.52 11.84
CA VAL A 244 9.34 -28.99 11.09
C VAL A 244 9.08 -28.64 9.65
N GLY A 245 10.05 -28.00 9.01
CA GLY A 245 9.90 -27.61 7.61
C GLY A 245 11.12 -28.01 6.81
N VAL A 246 10.87 -28.31 5.54
CA VAL A 246 11.92 -28.64 4.57
C VAL A 246 11.53 -27.96 3.27
N GLU A 247 12.37 -27.07 2.77
CA GLU A 247 12.04 -26.36 1.54
C GLU A 247 13.31 -26.10 0.76
N ARG A 248 13.15 -25.94 -0.56
CA ARG A 248 14.28 -25.72 -1.46
C ARG A 248 13.90 -24.66 -2.49
N THR A 249 14.81 -23.73 -2.72
CA THR A 249 14.72 -22.80 -3.83
C THR A 249 15.52 -23.37 -5.00
N MET A 250 14.90 -23.44 -6.17
CA MET A 250 15.60 -23.97 -7.33
C MET A 250 16.51 -22.92 -7.95
N ALA A 251 17.50 -23.40 -8.71
CA ALA A 251 18.38 -22.47 -9.41
C ALA A 251 17.65 -21.75 -10.54
N GLU A 252 16.63 -22.39 -11.12
CA GLU A 252 15.75 -21.74 -12.07
C GLU A 252 14.30 -22.03 -11.70
N ASP A 253 13.43 -21.07 -12.03
CA ASP A 253 12.01 -21.26 -11.80
C ASP A 253 11.50 -22.47 -12.58
N ILE A 254 10.55 -23.20 -12.00
CA ILE A 254 9.91 -24.31 -12.67
C ILE A 254 8.57 -23.83 -13.17
N HIS A 255 8.09 -24.47 -14.25
CA HIS A 255 6.87 -24.05 -14.90
C HIS A 255 5.90 -25.20 -15.13
N HIS A 256 6.27 -26.42 -14.75
CA HIS A 256 5.48 -27.62 -15.03
C HIS A 256 5.29 -28.42 -13.76
N TRP A 257 4.07 -28.94 -13.59
CA TRP A 257 3.75 -29.75 -12.41
C TRP A 257 4.71 -30.91 -12.26
N SER A 258 5.09 -31.55 -13.37
CA SER A 258 6.05 -32.64 -13.29
C SER A 258 7.32 -32.23 -12.54
N GLU A 259 7.84 -31.03 -12.83
CA GLU A 259 9.01 -30.55 -12.12
C GLU A 259 8.72 -30.36 -10.65
N CYS A 260 7.56 -29.80 -10.32
CA CYS A 260 7.22 -29.58 -8.91
C CYS A 260 7.11 -30.90 -8.17
N GLU A 261 6.47 -31.88 -8.78
CA GLU A 261 6.30 -33.17 -8.12
C GLU A 261 7.65 -33.85 -7.92
N ALA A 262 8.55 -33.73 -8.89
CA ALA A 262 9.91 -34.27 -8.74
C ALA A 262 10.61 -33.64 -7.54
N ILE A 263 10.51 -32.31 -7.38
CA ILE A 263 11.10 -31.66 -6.20
C ILE A 263 10.57 -32.27 -4.92
N ILE A 264 9.24 -32.43 -4.83
CA ILE A 264 8.64 -32.92 -3.59
C ILE A 264 9.14 -34.32 -3.27
N GLU A 265 9.27 -35.18 -4.29
CA GLU A 265 9.78 -36.52 -4.04
C GLU A 265 11.16 -36.50 -3.40
N ARG A 266 11.98 -35.48 -3.70
CA ARG A 266 13.27 -35.37 -3.03
C ARG A 266 13.18 -34.70 -1.67
N LEU A 267 12.22 -33.81 -1.48
CA LEU A 267 12.09 -33.16 -0.17
C LEU A 267 11.46 -34.10 0.85
N TYR A 268 10.55 -34.97 0.43
CA TYR A 268 9.82 -35.77 1.41
C TYR A 268 10.72 -36.66 2.26
N PRO A 269 11.66 -37.45 1.71
CA PRO A 269 12.50 -38.27 2.58
C PRO A 269 13.23 -37.46 3.64
N GLU A 270 13.66 -36.25 3.30
CA GLU A 270 14.35 -35.40 4.28
C GLU A 270 13.41 -34.96 5.39
N LEU A 271 12.19 -34.56 5.03
CA LEU A 271 11.21 -34.21 6.05
C LEU A 271 10.92 -35.41 6.95
N GLU A 272 10.75 -36.59 6.36
CA GLU A 272 10.47 -37.78 7.17
C GLU A 272 11.60 -38.08 8.14
N ARG A 273 12.85 -38.00 7.67
CA ARG A 273 13.99 -38.28 8.51
C ARG A 273 14.09 -37.30 9.68
N ARG A 274 13.81 -36.02 9.44
CA ARG A 274 13.89 -35.05 10.51
C ARG A 274 12.72 -35.16 11.48
N LEU A 275 11.50 -35.37 10.97
CA LEU A 275 10.38 -35.66 11.87
C LEU A 275 10.70 -36.86 12.76
N ALA A 276 11.21 -37.95 12.15
CA ALA A 276 11.43 -39.18 12.90
C ALA A 276 12.41 -39.00 14.06
N LYS A 277 13.34 -38.05 13.95
CA LYS A 277 14.26 -37.78 15.05
C LYS A 277 13.51 -37.37 16.32
N VAL A 278 12.39 -36.66 16.17
CA VAL A 278 11.66 -36.13 17.31
C VAL A 278 10.33 -36.86 17.55
N LYS A 279 9.78 -37.52 16.55
CA LYS A 279 8.50 -38.22 16.67
C LYS A 279 8.63 -39.48 15.84
N PRO A 280 9.20 -40.54 16.44
CA PRO A 280 9.43 -41.77 15.66
C PRO A 280 8.20 -42.31 14.95
N ASP A 281 7.03 -42.20 15.57
CA ASP A 281 5.81 -42.71 14.95
C ASP A 281 5.25 -41.80 13.87
N LEU A 282 5.92 -40.67 13.59
CA LEU A 282 5.50 -39.70 12.59
C LEU A 282 4.14 -39.07 12.87
N LEU A 283 3.61 -39.19 14.08
CA LEU A 283 2.32 -38.59 14.40
C LEU A 283 2.48 -37.09 14.57
N ILE A 284 1.58 -36.33 13.93
CA ILE A 284 1.68 -34.89 13.82
C ILE A 284 0.29 -34.31 13.95
N ALA A 285 0.23 -32.99 13.98
CA ALA A 285 -1.06 -32.31 14.08
C ALA A 285 -1.56 -31.81 12.73
N ARG A 286 -0.67 -31.29 11.89
CA ARG A 286 -1.03 -30.76 10.58
C ARG A 286 0.13 -31.02 9.64
N GLN A 287 -0.17 -31.08 8.34
CA GLN A 287 0.90 -31.07 7.35
C GLN A 287 0.46 -30.18 6.19
N GLY A 288 1.44 -29.66 5.46
CA GLY A 288 1.09 -28.76 4.38
C GLY A 288 2.28 -28.46 3.50
N VAL A 289 2.07 -27.54 2.58
CA VAL A 289 3.04 -27.25 1.54
C VAL A 289 3.15 -25.74 1.39
N LYS A 290 4.20 -25.35 0.68
CA LYS A 290 4.56 -23.96 0.44
C LYS A 290 5.05 -23.84 -0.99
N LEU A 291 4.53 -22.84 -1.70
CA LEU A 291 5.06 -22.45 -3.00
C LEU A 291 5.45 -20.99 -2.94
N LYS A 292 6.59 -20.66 -3.52
CA LYS A 292 6.94 -19.27 -3.74
C LYS A 292 7.11 -19.05 -5.24
N PHE A 293 6.44 -18.01 -5.74
CA PHE A 293 6.35 -17.73 -7.16
C PHE A 293 7.48 -16.81 -7.60
N ASP A 294 7.54 -16.54 -8.90
CA ASP A 294 8.59 -15.67 -9.43
C ASP A 294 8.41 -14.23 -9.01
N ASP A 295 7.17 -13.79 -8.74
CA ASP A 295 6.93 -12.46 -8.18
C ASP A 295 7.12 -12.40 -6.66
N PHE A 296 7.74 -13.44 -6.08
CA PHE A 296 8.05 -13.55 -4.66
C PHE A 296 6.82 -13.55 -3.77
N GLN A 297 5.61 -13.65 -4.32
CA GLN A 297 4.50 -13.95 -3.45
C GLN A 297 4.63 -15.39 -2.98
N GLN A 298 4.16 -15.64 -1.77
CA GLN A 298 4.28 -16.94 -1.13
C GLN A 298 2.90 -17.37 -0.64
N THR A 299 2.58 -18.65 -0.85
CA THR A 299 1.36 -19.20 -0.30
C THR A 299 1.69 -20.50 0.41
N THR A 300 0.96 -20.73 1.49
CA THR A 300 1.03 -21.98 2.22
C THR A 300 -0.38 -22.59 2.23
N GLN A 301 -0.46 -23.91 2.18
CA GLN A 301 -1.75 -24.47 2.52
C GLN A 301 -1.52 -25.76 3.28
N GLU A 302 -2.17 -25.84 4.42
CA GLU A 302 -1.83 -26.79 5.46
C GLU A 302 -3.15 -27.21 6.08
N HIS A 303 -3.18 -28.43 6.62
CA HIS A 303 -4.43 -28.90 7.17
C HIS A 303 -4.16 -29.94 8.26
N VAL A 304 -5.10 -30.03 9.20
CA VAL A 304 -5.19 -31.14 10.13
C VAL A 304 -4.94 -32.45 9.40
N TRP A 305 -4.06 -33.26 9.96
CA TRP A 305 -3.64 -34.53 9.39
C TRP A 305 -2.90 -35.29 10.48
N PRO A 306 -3.17 -36.58 10.64
CA PRO A 306 -2.67 -37.31 11.81
C PRO A 306 -1.24 -37.80 11.70
N ARG A 307 -0.68 -37.92 10.49
CA ARG A 307 0.56 -38.65 10.33
C ARG A 307 1.17 -38.34 8.97
N LEU A 308 2.44 -37.93 8.99
CA LEU A 308 3.17 -37.58 7.79
C LEU A 308 2.84 -38.52 6.64
N ASN A 309 2.44 -37.94 5.51
CA ASN A 309 1.98 -38.71 4.37
C ASN A 309 2.37 -38.02 3.07
N LYS A 310 3.22 -38.69 2.28
CA LYS A 310 3.78 -38.10 1.05
C LYS A 310 2.71 -37.78 0.03
N ALA A 311 1.84 -38.76 -0.26
CA ALA A 311 0.85 -38.58 -1.30
C ALA A 311 -0.08 -37.41 -0.99
N ASP A 312 -0.50 -37.28 0.26
CA ASP A 312 -1.34 -36.14 0.57
C ASP A 312 -0.57 -34.82 0.38
N LEU A 313 0.75 -34.82 0.58
CA LEU A 313 1.48 -33.58 0.35
C LEU A 313 1.54 -33.28 -1.14
N ILE A 314 1.78 -34.31 -1.96
CA ILE A 314 1.74 -34.13 -3.41
C ILE A 314 0.36 -33.64 -3.84
N ALA A 315 -0.70 -34.28 -3.33
CA ALA A 315 -2.06 -33.87 -3.67
C ALA A 315 -2.30 -32.41 -3.32
N THR A 316 -1.89 -32.01 -2.12
CA THR A 316 -2.10 -30.64 -1.71
C THR A 316 -1.28 -29.70 -2.57
N ALA A 317 -0.01 -30.05 -2.83
CA ALA A 317 0.80 -29.21 -3.72
C ALA A 317 0.18 -29.10 -5.10
N ARG A 318 -0.46 -30.18 -5.58
CA ARG A 318 -1.13 -30.13 -6.87
C ARG A 318 -2.26 -29.11 -6.85
N LYS A 319 -3.08 -29.12 -5.78
CA LYS A 319 -4.17 -28.15 -5.68
C LYS A 319 -3.63 -26.73 -5.68
N THR A 320 -2.66 -26.45 -4.79
CA THR A 320 -2.03 -25.14 -4.74
C THR A 320 -1.48 -24.75 -6.10
N TRP A 321 -0.70 -25.65 -6.70
CA TRP A 321 -0.20 -25.43 -8.06
C TRP A 321 -1.31 -25.02 -9.00
N ASP A 322 -2.38 -25.82 -9.05
CA ASP A 322 -3.45 -25.50 -9.99
C ASP A 322 -4.21 -24.26 -9.58
N GLU A 323 -4.42 -24.05 -8.29
CA GLU A 323 -5.42 -23.07 -7.86
C GLU A 323 -4.84 -21.69 -7.58
N ARG A 324 -3.59 -21.58 -7.13
CA ARG A 324 -3.07 -20.27 -6.74
C ARG A 324 -1.85 -19.83 -7.54
N ARG A 325 -1.44 -20.59 -8.56
CA ARG A 325 -0.21 -20.24 -9.27
C ARG A 325 -0.45 -19.20 -10.37
N GLY A 326 -1.59 -19.27 -11.05
CA GLY A 326 -1.91 -18.27 -12.06
C GLY A 326 -0.84 -18.06 -13.11
N GLY A 327 -0.21 -19.14 -13.55
CA GLY A 327 0.74 -19.09 -14.64
C GLY A 327 2.12 -18.56 -14.29
N ARG A 328 2.37 -18.12 -13.06
CA ARG A 328 3.69 -17.64 -12.68
C ARG A 328 4.67 -18.81 -12.59
N GLY A 329 5.96 -18.50 -12.71
CA GLY A 329 6.99 -19.48 -12.38
C GLY A 329 7.13 -19.67 -10.88
N VAL A 330 7.73 -20.78 -10.49
CA VAL A 330 7.85 -21.16 -9.07
C VAL A 330 9.33 -21.30 -8.76
N ARG A 331 9.81 -20.56 -7.76
CA ARG A 331 11.22 -20.64 -7.37
C ARG A 331 11.47 -21.52 -6.16
N LEU A 332 10.44 -21.77 -5.34
CA LEU A 332 10.62 -22.54 -4.13
C LEU A 332 9.46 -23.48 -3.93
N VAL A 333 9.78 -24.70 -3.48
CA VAL A 333 8.80 -25.68 -3.06
C VAL A 333 9.15 -26.09 -1.64
N GLY A 334 8.16 -26.14 -0.76
CA GLY A 334 8.40 -26.51 0.61
C GLY A 334 7.32 -27.44 1.14
N LEU A 335 7.73 -28.31 2.06
CA LEU A 335 6.86 -29.17 2.84
C LEU A 335 6.90 -28.73 4.29
N HIS A 336 5.83 -29.04 5.04
CA HIS A 336 5.71 -28.49 6.40
C HIS A 336 4.83 -29.41 7.25
N VAL A 337 5.17 -29.47 8.53
CA VAL A 337 4.47 -30.26 9.52
C VAL A 337 4.30 -29.40 10.77
N THR A 338 3.11 -29.42 11.36
CA THR A 338 2.89 -28.85 12.70
C THR A 338 2.81 -29.98 13.70
N LEU A 339 3.60 -29.87 14.77
CA LEU A 339 3.74 -30.96 15.72
C LEU A 339 2.56 -30.95 16.70
N LEU A 340 2.27 -32.12 17.26
CA LEU A 340 1.22 -32.22 18.28
C LEU A 340 1.62 -31.44 19.53
N ASP A 341 0.60 -30.97 20.25
CA ASP A 341 0.81 -30.04 21.36
C ASP A 341 1.74 -30.49 22.48
N PRO A 342 1.91 -31.80 22.80
CA PRO A 342 2.62 -31.92 24.09
C PRO A 342 4.13 -31.69 23.98
N GLY B 1 -46.86 27.58 -18.66
CA GLY B 1 -46.04 26.92 -17.65
C GLY B 1 -44.68 26.48 -18.15
N SER B 2 -43.77 27.45 -18.30
CA SER B 2 -42.42 27.19 -18.78
C SER B 2 -41.42 27.61 -17.70
N ARG B 3 -40.55 26.69 -17.32
CA ARG B 3 -39.58 26.95 -16.28
C ARG B 3 -38.50 27.92 -16.75
N LYS B 4 -37.76 28.46 -15.79
CA LYS B 4 -36.61 29.32 -16.05
C LYS B 4 -35.40 28.68 -15.37
N ILE B 5 -34.52 28.10 -16.17
CA ILE B 5 -33.36 27.37 -15.68
C ILE B 5 -32.10 28.15 -16.02
N ILE B 6 -31.24 28.34 -15.04
CA ILE B 6 -29.91 28.90 -15.25
C ILE B 6 -28.88 27.81 -14.99
N HIS B 7 -27.87 27.75 -15.85
CA HIS B 7 -26.64 27.00 -15.59
C HIS B 7 -25.52 28.01 -15.44
N VAL B 8 -24.85 28.01 -14.29
CA VAL B 8 -23.70 28.88 -14.04
C VAL B 8 -22.45 28.01 -14.03
N ASP B 9 -21.37 28.53 -14.60
CA ASP B 9 -20.19 27.73 -14.89
C ASP B 9 -18.97 28.64 -14.80
N MET B 10 -18.05 28.33 -13.89
CA MET B 10 -16.87 29.18 -13.72
C MET B 10 -15.93 29.02 -14.92
N ASP B 11 -15.26 30.11 -15.30
CA ASP B 11 -14.35 30.10 -16.43
C ASP B 11 -12.98 29.56 -16.03
N CYS B 12 -12.49 28.55 -16.78
CA CYS B 12 -11.17 27.96 -16.56
C CYS B 12 -10.87 27.77 -15.08
N PHE B 13 -11.79 27.09 -14.40
CA PHE B 13 -11.95 27.26 -12.97
C PHE B 13 -10.62 27.19 -12.21
N PHE B 14 -9.92 26.05 -12.29
CA PHE B 14 -8.69 25.90 -11.50
C PHE B 14 -7.64 26.92 -11.90
N ALA B 15 -7.52 27.21 -13.19
CA ALA B 15 -6.49 28.15 -13.64
C ALA B 15 -6.86 29.58 -13.29
N ALA B 16 -8.16 29.90 -13.29
CA ALA B 16 -8.58 31.24 -12.91
C ALA B 16 -8.28 31.52 -11.44
N VAL B 17 -8.45 30.50 -10.59
CA VAL B 17 -8.08 30.65 -9.19
C VAL B 17 -6.58 30.89 -9.07
N GLU B 18 -5.80 30.08 -9.78
CA GLU B 18 -4.35 30.22 -9.71
C GLU B 18 -3.90 31.57 -10.29
N MET B 19 -4.57 32.05 -11.34
CA MET B 19 -4.16 33.33 -11.91
C MET B 19 -4.54 34.49 -10.99
N ARG B 20 -5.69 34.39 -10.32
CA ARG B 20 -6.08 35.46 -9.39
C ARG B 20 -5.13 35.53 -8.20
N ASP B 21 -4.73 34.38 -7.67
CA ASP B 21 -3.84 34.36 -6.52
C ASP B 21 -2.38 34.63 -6.88
N ASN B 22 -2.05 34.60 -8.17
CA ASN B 22 -0.69 34.90 -8.63
C ASN B 22 -0.79 35.59 -9.98
N PRO B 23 -0.91 36.93 -9.98
CA PRO B 23 -1.06 37.65 -11.26
C PRO B 23 0.15 37.55 -12.19
N ALA B 24 1.29 37.03 -11.72
CA ALA B 24 2.39 36.78 -12.64
C ALA B 24 2.07 35.67 -13.64
N LEU B 25 1.04 34.87 -13.39
CA LEU B 25 0.62 33.81 -14.29
C LEU B 25 -0.46 34.24 -15.28
N ARG B 26 -0.76 35.54 -15.37
CA ARG B 26 -1.92 36.01 -16.12
C ARG B 26 -1.78 35.75 -17.62
N ASP B 27 -0.70 36.24 -18.21
CA ASP B 27 -0.56 36.29 -19.66
C ASP B 27 0.33 35.19 -20.22
N ILE B 28 0.72 34.22 -19.40
CA ILE B 28 1.57 33.11 -19.84
C ILE B 28 0.75 31.84 -19.90
N PRO B 29 1.14 30.82 -20.68
CA PRO B 29 0.38 29.56 -20.70
C PRO B 29 0.62 28.77 -19.41
N ILE B 30 -0.47 28.45 -18.70
CA ILE B 30 -0.39 27.62 -17.51
C ILE B 30 -1.42 26.50 -17.59
N ALA B 31 -1.16 25.45 -16.81
CA ALA B 31 -2.12 24.37 -16.65
C ALA B 31 -1.95 23.76 -15.26
N ILE B 32 -3.04 23.19 -14.75
CA ILE B 32 -3.02 22.40 -13.54
C ILE B 32 -2.99 20.94 -13.97
N GLY B 33 -2.00 20.19 -13.51
CA GLY B 33 -1.93 18.80 -13.87
C GLY B 33 -0.71 18.16 -13.26
N GLY B 34 -0.71 16.82 -13.27
CA GLY B 34 0.45 16.08 -12.82
C GLY B 34 1.54 16.06 -13.87
N SER B 35 2.78 15.97 -13.40
CA SER B 35 3.93 16.04 -14.30
C SER B 35 3.96 14.83 -15.22
N ARG B 36 4.79 14.91 -16.25
CA ARG B 36 5.01 13.75 -17.10
C ARG B 36 5.67 12.61 -16.31
N GLU B 37 6.65 12.95 -15.47
CA GLU B 37 7.30 11.94 -14.64
C GLU B 37 6.28 11.12 -13.87
N ARG B 38 5.23 11.76 -13.38
CA ARG B 38 4.16 11.13 -12.61
C ARG B 38 3.07 10.53 -13.50
N ARG B 39 3.26 10.53 -14.82
CA ARG B 39 2.31 9.97 -15.79
C ARG B 39 0.93 10.65 -15.68
N GLY B 40 0.93 11.97 -15.48
CA GLY B 40 -0.30 12.71 -15.28
C GLY B 40 -0.90 13.28 -16.55
N VAL B 41 -2.04 13.94 -16.36
CA VAL B 41 -2.77 14.63 -17.42
C VAL B 41 -3.06 16.05 -16.96
N ILE B 42 -3.61 16.82 -17.89
CA ILE B 42 -3.98 18.22 -17.65
C ILE B 42 -5.38 18.24 -17.06
N SER B 43 -5.52 18.85 -15.86
CA SER B 43 -6.85 19.09 -15.32
C SER B 43 -7.54 20.22 -16.06
N THR B 44 -6.87 21.35 -16.20
CA THR B 44 -7.38 22.42 -17.05
C THR B 44 -6.22 23.34 -17.42
N ALA B 45 -6.49 24.27 -18.32
CA ALA B 45 -5.48 25.20 -18.79
C ALA B 45 -6.13 26.55 -19.00
N ASN B 46 -5.31 27.60 -18.96
CA ASN B 46 -5.83 28.93 -19.21
C ASN B 46 -5.80 29.20 -20.72
N TYR B 47 -6.41 30.33 -21.11
CA TYR B 47 -6.54 30.62 -22.54
C TYR B 47 -5.22 30.77 -23.26
N PRO B 48 -4.17 31.39 -22.70
CA PRO B 48 -2.87 31.36 -23.39
C PRO B 48 -2.38 29.95 -23.65
N ALA B 49 -2.64 29.02 -22.72
CA ALA B 49 -2.27 27.64 -22.96
C ALA B 49 -3.18 26.98 -23.98
N ARG B 50 -4.48 27.28 -23.94
CA ARG B 50 -5.43 26.64 -24.83
C ARG B 50 -5.16 26.96 -26.30
N LYS B 51 -4.58 28.12 -26.59
CA LYS B 51 -4.43 28.44 -28.00
C LYS B 51 -3.31 27.61 -28.64
N PHE B 52 -2.46 27.00 -27.83
CA PHE B 52 -1.50 26.02 -28.30
C PHE B 52 -2.11 24.63 -28.42
N GLY B 53 -3.39 24.48 -28.05
CA GLY B 53 -4.09 23.22 -28.11
C GLY B 53 -4.17 22.48 -26.78
N VAL B 54 -3.65 23.05 -25.70
CA VAL B 54 -3.71 22.36 -24.42
C VAL B 54 -5.16 22.26 -23.97
N ARG B 55 -5.56 21.06 -23.53
CA ARG B 55 -6.95 20.79 -23.15
C ARG B 55 -6.98 19.91 -21.90
N SER B 56 -8.11 19.98 -21.18
CA SER B 56 -8.35 19.02 -20.10
C SER B 56 -8.24 17.59 -20.60
N ALA B 57 -7.72 16.72 -19.74
CA ALA B 57 -7.58 15.28 -19.96
C ALA B 57 -6.45 14.95 -20.93
N MET B 58 -5.73 15.94 -21.47
CA MET B 58 -4.60 15.65 -22.35
C MET B 58 -3.41 15.15 -21.52
N PRO B 59 -2.72 14.10 -21.99
CA PRO B 59 -1.49 13.68 -21.33
C PRO B 59 -0.53 14.85 -21.21
N THR B 60 0.01 15.03 -20.01
CA THR B 60 0.87 16.19 -19.76
C THR B 60 2.06 16.23 -20.69
N GLY B 61 2.59 15.06 -21.06
CA GLY B 61 3.69 15.03 -22.03
C GLY B 61 3.26 15.54 -23.40
N MET B 62 2.04 15.24 -23.82
CA MET B 62 1.54 15.80 -25.06
C MET B 62 1.35 17.31 -24.94
N ALA B 63 0.86 17.76 -23.78
CA ALA B 63 0.68 19.18 -23.55
C ALA B 63 1.99 19.93 -23.71
N LEU B 64 3.06 19.41 -23.11
CA LEU B 64 4.37 20.06 -23.16
C LEU B 64 4.96 20.06 -24.56
N LYS B 65 4.69 19.02 -25.35
CA LYS B 65 5.13 19.05 -26.75
C LYS B 65 4.29 20.03 -27.57
N LEU B 66 3.05 20.30 -27.16
CA LEU B 66 2.26 21.31 -27.87
C LEU B 66 2.61 22.72 -27.43
N CYS B 67 3.09 22.86 -26.20
CA CYS B 67 3.27 24.18 -25.58
C CYS B 67 4.50 24.11 -24.68
N PRO B 68 5.70 24.16 -25.27
CA PRO B 68 6.92 23.95 -24.48
C PRO B 68 7.09 24.93 -23.34
N HIS B 69 6.55 26.14 -23.45
CA HIS B 69 6.65 27.13 -22.39
C HIS B 69 5.61 26.93 -21.31
N LEU B 70 4.84 25.85 -21.39
CA LEU B 70 3.74 25.61 -20.45
C LEU B 70 4.26 25.61 -19.02
N THR B 71 3.60 26.38 -18.16
CA THR B 71 3.88 26.34 -16.73
C THR B 71 2.88 25.38 -16.08
N LEU B 72 3.40 24.40 -15.35
CA LEU B 72 2.59 23.31 -14.81
C LEU B 72 2.46 23.49 -13.30
N LEU B 73 1.22 23.61 -12.81
CA LEU B 73 0.94 23.80 -11.39
C LEU B 73 0.28 22.56 -10.80
N PRO B 74 0.57 22.25 -9.52
CA PRO B 74 0.04 21.02 -8.92
C PRO B 74 -1.43 21.09 -8.50
N GLY B 75 -2.04 22.26 -8.44
CA GLY B 75 -3.41 22.35 -7.97
C GLY B 75 -3.53 22.48 -6.46
N ARG B 76 -4.44 23.36 -6.02
CA ARG B 76 -4.65 23.63 -4.60
C ARG B 76 -6.13 23.42 -4.31
N PHE B 77 -6.50 22.18 -3.98
CA PHE B 77 -7.91 21.84 -3.86
C PHE B 77 -8.62 22.70 -2.82
N ASP B 78 -7.94 23.04 -1.72
CA ASP B 78 -8.60 23.86 -0.70
C ASP B 78 -8.89 25.27 -1.22
N ALA B 79 -8.10 25.78 -2.16
CA ALA B 79 -8.45 27.06 -2.76
C ALA B 79 -9.65 26.92 -3.68
N TYR B 80 -9.78 25.77 -4.35
CA TYR B 80 -10.89 25.57 -5.27
C TYR B 80 -12.19 25.26 -4.52
N LYS B 81 -12.10 24.44 -3.47
CA LYS B 81 -13.27 24.18 -2.61
C LYS B 81 -13.77 25.47 -1.97
N GLU B 82 -12.85 26.32 -1.52
CA GLU B 82 -13.25 27.61 -0.94
C GLU B 82 -14.08 28.42 -1.92
N ALA B 83 -13.59 28.59 -3.15
CA ALA B 83 -14.34 29.35 -4.15
C ALA B 83 -15.69 28.71 -4.43
N SER B 84 -15.73 27.37 -4.50
CA SER B 84 -16.97 26.64 -4.79
C SER B 84 -18.00 26.84 -3.69
N ASN B 85 -17.57 26.81 -2.43
CA ASN B 85 -18.51 27.09 -1.34
C ASN B 85 -19.07 28.50 -1.48
N HIS B 86 -18.21 29.45 -1.86
CA HIS B 86 -18.63 30.84 -1.95
C HIS B 86 -19.65 31.05 -3.07
N ILE B 87 -19.44 30.42 -4.25
CA ILE B 87 -20.38 30.64 -5.33
C ILE B 87 -21.71 29.98 -5.02
N ARG B 88 -21.69 28.80 -4.40
CA ARG B 88 -22.93 28.13 -4.00
C ARG B 88 -23.70 28.98 -3.01
N GLU B 89 -23.00 29.68 -2.12
CA GLU B 89 -23.70 30.55 -1.16
C GLU B 89 -24.29 31.76 -1.86
N ILE B 90 -23.58 32.30 -2.86
CA ILE B 90 -24.14 33.34 -3.71
C ILE B 90 -25.41 32.83 -4.39
N PHE B 91 -25.36 31.61 -4.92
CA PHE B 91 -26.55 31.03 -5.55
C PHE B 91 -27.73 30.99 -4.57
N SER B 92 -27.45 30.75 -3.29
CA SER B 92 -28.49 30.61 -2.29
C SER B 92 -29.16 31.94 -1.98
N ARG B 93 -28.54 33.06 -2.35
CA ARG B 93 -29.19 34.34 -2.16
C ARG B 93 -30.37 34.50 -3.10
N TYR B 94 -30.32 33.84 -4.26
CA TYR B 94 -31.32 33.99 -5.31
C TYR B 94 -32.39 32.91 -5.29
N THR B 95 -32.04 31.67 -4.97
CA THR B 95 -33.03 30.61 -4.86
C THR B 95 -32.45 29.48 -4.01
N SER B 96 -33.34 28.73 -3.37
CA SER B 96 -32.91 27.50 -2.72
C SER B 96 -32.84 26.34 -3.70
N ARG B 97 -33.40 26.50 -4.89
CA ARG B 97 -33.48 25.42 -5.88
C ARG B 97 -32.16 25.41 -6.67
N ILE B 98 -31.16 24.79 -6.05
CA ILE B 98 -29.79 24.74 -6.54
C ILE B 98 -29.38 23.28 -6.67
N GLU B 99 -28.90 22.90 -7.85
CA GLU B 99 -28.36 21.55 -8.06
C GLU B 99 -26.92 21.69 -8.54
N PRO B 100 -25.94 21.65 -7.63
CA PRO B 100 -24.54 21.63 -8.08
C PRO B 100 -24.24 20.36 -8.86
N LEU B 101 -23.43 20.48 -9.90
CA LEU B 101 -23.02 19.32 -10.69
C LEU B 101 -21.53 19.01 -10.54
N SER B 102 -20.76 19.93 -9.99
CA SER B 102 -19.32 19.85 -9.78
C SER B 102 -18.98 21.05 -8.92
N LEU B 103 -17.70 21.20 -8.57
CA LEU B 103 -17.30 22.35 -7.76
C LEU B 103 -17.77 23.65 -8.40
N ASP B 104 -17.60 23.77 -9.72
CA ASP B 104 -17.67 25.08 -10.35
C ASP B 104 -18.96 25.34 -11.11
N GLU B 105 -19.99 24.50 -10.96
CA GLU B 105 -21.19 24.72 -11.75
C GLU B 105 -22.43 24.19 -11.02
N ALA B 106 -23.57 24.77 -11.39
CA ALA B 106 -24.84 24.44 -10.77
C ALA B 106 -25.96 24.84 -11.73
N TYR B 107 -27.04 24.07 -11.70
CA TYR B 107 -28.31 24.52 -12.25
C TYR B 107 -29.06 25.29 -11.17
N LEU B 108 -29.76 26.34 -11.57
CA LEU B 108 -30.71 27.03 -10.72
C LEU B 108 -32.07 27.04 -11.40
N ASP B 109 -33.11 26.78 -10.61
CA ASP B 109 -34.49 26.93 -11.07
C ASP B 109 -35.01 28.22 -10.45
N VAL B 110 -35.20 29.24 -11.28
CA VAL B 110 -35.66 30.54 -10.81
C VAL B 110 -37.03 30.82 -11.42
N THR B 111 -37.79 29.75 -11.68
CA THR B 111 -39.12 29.88 -12.27
C THR B 111 -40.00 30.82 -11.45
N ASP B 112 -39.86 30.79 -10.12
CA ASP B 112 -40.74 31.55 -9.24
C ASP B 112 -40.05 32.73 -8.55
N SER B 113 -38.83 33.08 -8.96
CA SER B 113 -38.08 34.11 -8.27
C SER B 113 -38.72 35.49 -8.41
N VAL B 114 -38.76 36.23 -7.30
CA VAL B 114 -39.17 37.62 -7.30
C VAL B 114 -37.96 38.56 -7.34
N HIS B 115 -36.79 38.05 -7.70
CA HIS B 115 -35.62 38.90 -7.93
C HIS B 115 -35.67 39.45 -9.35
N CYS B 116 -35.22 40.68 -9.52
CA CYS B 116 -35.08 41.30 -10.84
C CYS B 116 -36.36 41.15 -11.66
N HIS B 117 -37.49 41.28 -10.97
CA HIS B 117 -38.81 41.17 -11.60
C HIS B 117 -38.99 39.84 -12.32
N GLY B 118 -38.35 38.78 -11.80
CA GLY B 118 -38.48 37.47 -12.40
C GLY B 118 -37.70 37.27 -13.68
N SER B 119 -36.80 38.19 -14.02
CA SER B 119 -36.01 38.07 -15.25
C SER B 119 -34.88 37.09 -15.02
N ALA B 120 -34.91 35.95 -15.69
CA ALA B 120 -33.79 35.03 -15.54
C ALA B 120 -32.54 35.60 -16.17
N THR B 121 -32.69 36.48 -17.16
CA THR B 121 -31.54 37.15 -17.74
C THR B 121 -30.82 38.01 -16.71
N LEU B 122 -31.58 38.85 -16.00
CA LEU B 122 -30.95 39.78 -15.07
C LEU B 122 -30.41 39.05 -13.85
N ILE B 123 -31.10 38.00 -13.38
CA ILE B 123 -30.60 37.19 -12.26
C ILE B 123 -29.27 36.56 -12.63
N ALA B 124 -29.17 35.99 -13.84
CA ALA B 124 -27.89 35.41 -14.26
C ALA B 124 -26.82 36.49 -14.32
N GLN B 125 -27.16 37.66 -14.87
CA GLN B 125 -26.24 38.79 -14.88
C GLN B 125 -25.79 39.16 -13.48
N GLU B 126 -26.74 39.26 -12.54
CA GLU B 126 -26.38 39.66 -11.20
C GLU B 126 -25.54 38.60 -10.50
N ILE B 127 -25.85 37.32 -10.75
CA ILE B 127 -25.06 36.27 -10.16
C ILE B 127 -23.63 36.33 -10.68
N ARG B 128 -23.46 36.50 -11.99
CA ARG B 128 -22.12 36.58 -12.56
C ARG B 128 -21.36 37.78 -12.00
N GLN B 129 -22.04 38.93 -11.83
CA GLN B 129 -21.36 40.14 -11.37
C GLN B 129 -20.99 40.02 -9.89
N THR B 130 -21.90 39.46 -9.09
CA THR B 130 -21.58 39.22 -7.68
C THR B 130 -20.42 38.26 -7.54
N ILE B 131 -20.32 37.27 -8.42
CA ILE B 131 -19.19 36.33 -8.33
C ILE B 131 -17.89 37.05 -8.69
N PHE B 132 -17.92 37.94 -9.69
CA PHE B 132 -16.72 38.70 -10.02
C PHE B 132 -16.28 39.57 -8.86
N ASN B 133 -17.17 40.42 -8.33
CA ASN B 133 -16.90 40.97 -7.01
C ASN B 133 -16.78 39.80 -6.03
N GLU B 134 -16.31 40.06 -4.83
CA GLU B 134 -16.24 38.98 -3.83
C GLU B 134 -15.20 37.90 -4.15
N LEU B 135 -15.23 37.29 -5.34
CA LEU B 135 -14.27 36.23 -5.65
C LEU B 135 -13.17 36.65 -6.61
N GLN B 136 -13.36 37.74 -7.37
CA GLN B 136 -12.43 38.15 -8.42
C GLN B 136 -12.27 37.07 -9.49
N LEU B 137 -13.35 36.34 -9.75
CA LEU B 137 -13.39 35.28 -10.75
C LEU B 137 -14.58 35.49 -11.66
N THR B 138 -14.45 35.07 -12.91
CA THR B 138 -15.53 35.26 -13.86
C THR B 138 -16.28 33.96 -14.09
N ALA B 139 -17.56 34.09 -14.41
CA ALA B 139 -18.38 32.95 -14.72
C ALA B 139 -19.14 33.21 -16.02
N SER B 140 -19.61 32.13 -16.62
CA SER B 140 -20.53 32.22 -17.74
C SER B 140 -21.83 31.54 -17.34
N ALA B 141 -22.91 31.88 -18.04
CA ALA B 141 -24.23 31.37 -17.66
C ALA B 141 -25.08 31.13 -18.89
N GLY B 142 -25.95 30.14 -18.79
CA GLY B 142 -26.94 29.86 -19.81
C GLY B 142 -28.33 29.87 -19.19
N VAL B 143 -29.28 30.44 -19.90
CA VAL B 143 -30.67 30.55 -19.47
C VAL B 143 -31.53 29.87 -20.52
N ALA B 144 -32.41 28.97 -20.10
CA ALA B 144 -33.17 28.19 -21.07
C ALA B 144 -34.39 27.59 -20.35
N PRO B 145 -35.36 27.08 -21.12
CA PRO B 145 -36.55 26.48 -20.47
C PRO B 145 -36.30 25.11 -19.88
N VAL B 146 -35.22 24.43 -20.25
CA VAL B 146 -34.90 23.12 -19.69
C VAL B 146 -33.42 23.05 -19.34
N LYS B 147 -33.06 22.02 -18.58
CA LYS B 147 -31.69 21.80 -18.14
C LYS B 147 -30.66 21.80 -19.28
N PHE B 148 -30.77 20.85 -20.21
CA PHE B 148 -29.65 20.63 -21.13
C PHE B 148 -29.41 21.85 -22.02
N LEU B 149 -30.45 22.61 -22.35
CA LEU B 149 -30.22 23.82 -23.15
C LEU B 149 -29.53 24.90 -22.32
N ALA B 150 -29.88 25.02 -21.03
CA ALA B 150 -29.19 25.98 -20.17
C ALA B 150 -27.71 25.67 -20.08
N LYS B 151 -27.37 24.38 -19.96
CA LYS B 151 -25.96 23.99 -19.89
C LYS B 151 -25.24 24.27 -21.20
N ILE B 152 -25.85 23.90 -22.34
CA ILE B 152 -25.27 24.27 -23.62
C ILE B 152 -25.14 25.78 -23.74
N ALA B 153 -26.15 26.51 -23.28
CA ALA B 153 -26.13 27.96 -23.46
C ALA B 153 -24.99 28.61 -22.69
N SER B 154 -24.58 28.04 -21.55
CA SER B 154 -23.51 28.67 -20.78
C SER B 154 -22.16 28.57 -21.48
N ASP B 155 -21.98 27.63 -22.40
CA ASP B 155 -20.73 27.56 -23.14
C ASP B 155 -20.69 28.51 -24.33
N MET B 156 -21.82 29.07 -24.75
CA MET B 156 -21.84 29.77 -26.03
C MET B 156 -21.24 31.16 -25.97
N ASN B 157 -21.13 31.76 -24.80
CA ASN B 157 -20.48 33.05 -24.67
C ASN B 157 -19.40 33.01 -23.60
N LYS B 158 -18.81 31.85 -23.34
CA LYS B 158 -17.64 31.76 -22.46
C LYS B 158 -16.45 32.38 -23.20
N PRO B 159 -15.59 33.09 -22.48
CA PRO B 159 -15.74 33.35 -21.04
C PRO B 159 -16.47 34.66 -20.73
N ASN B 160 -16.81 34.81 -19.46
CA ASN B 160 -17.37 36.04 -18.91
C ASN B 160 -18.54 36.55 -19.73
N GLY B 161 -19.45 35.64 -20.07
CA GLY B 161 -20.62 36.02 -20.84
C GLY B 161 -21.77 35.10 -20.56
N GLN B 162 -22.93 35.43 -21.10
CA GLN B 162 -24.08 34.54 -20.94
C GLN B 162 -24.86 34.48 -22.25
N PHE B 163 -25.75 33.52 -22.34
CA PHE B 163 -26.60 33.37 -23.51
C PHE B 163 -27.96 32.82 -23.10
N VAL B 164 -29.03 33.42 -23.63
CA VAL B 164 -30.40 33.10 -23.25
C VAL B 164 -31.10 32.44 -24.43
N ILE B 165 -31.85 31.37 -24.16
CA ILE B 165 -32.68 30.71 -25.16
C ILE B 165 -34.13 30.77 -24.67
N THR B 166 -34.97 31.50 -25.39
CA THR B 166 -36.37 31.56 -25.02
C THR B 166 -37.11 30.35 -25.59
N PRO B 167 -38.27 30.02 -25.04
CA PRO B 167 -39.08 28.95 -25.63
C PRO B 167 -39.33 29.15 -27.12
N ALA B 168 -39.54 30.40 -27.55
CA ALA B 168 -39.77 30.68 -28.97
C ALA B 168 -38.58 30.29 -29.82
N GLU B 169 -37.37 30.40 -29.27
CA GLU B 169 -36.15 30.17 -30.04
C GLU B 169 -35.73 28.71 -30.06
N VAL B 170 -36.26 27.86 -29.16
CA VAL B 170 -35.80 26.47 -29.09
C VAL B 170 -35.84 25.75 -30.43
N PRO B 171 -36.93 25.80 -31.21
CA PRO B 171 -36.95 25.04 -32.47
C PRO B 171 -35.84 25.42 -33.43
N ALA B 172 -35.62 26.72 -33.66
CA ALA B 172 -34.52 27.12 -34.53
C ALA B 172 -33.18 26.70 -33.94
N PHE B 173 -33.04 26.84 -32.62
CA PHE B 173 -31.79 26.48 -31.96
C PHE B 173 -31.49 24.99 -32.08
N LEU B 174 -32.53 24.16 -32.11
CA LEU B 174 -32.34 22.71 -32.20
C LEU B 174 -31.94 22.28 -33.60
N GLN B 175 -32.52 22.91 -34.63
CA GLN B 175 -32.47 22.37 -35.99
C GLN B 175 -31.05 22.01 -36.40
N THR B 176 -30.08 22.78 -35.94
CA THR B 176 -28.70 22.66 -36.37
C THR B 176 -27.76 22.28 -35.23
N LEU B 177 -28.32 22.03 -34.05
CA LEU B 177 -27.51 21.73 -32.87
C LEU B 177 -26.83 20.36 -33.02
N PRO B 178 -25.51 20.30 -33.06
CA PRO B 178 -24.85 18.99 -33.16
C PRO B 178 -25.16 18.13 -31.93
N LEU B 179 -25.48 16.86 -32.17
CA LEU B 179 -25.84 15.96 -31.08
C LEU B 179 -24.74 15.89 -30.02
N ALA B 180 -23.47 15.96 -30.47
CA ALA B 180 -22.32 15.91 -29.57
C ALA B 180 -22.33 17.03 -28.53
N LYS B 181 -23.08 18.11 -28.77
CA LYS B 181 -23.20 19.18 -27.79
C LYS B 181 -24.13 18.79 -26.64
N ILE B 182 -24.97 17.78 -26.81
CA ILE B 182 -25.88 17.35 -25.76
C ILE B 182 -25.06 16.67 -24.65
N PRO B 183 -25.16 17.13 -23.42
CA PRO B 183 -24.45 16.42 -22.33
C PRO B 183 -24.95 14.99 -22.26
N GLY B 184 -24.01 14.07 -22.11
CA GLY B 184 -24.27 12.65 -22.16
C GLY B 184 -24.01 12.02 -23.51
N VAL B 185 -23.98 12.82 -24.58
CA VAL B 185 -23.62 12.34 -25.91
C VAL B 185 -22.13 12.60 -26.08
N GLY B 186 -21.33 11.59 -25.78
CA GLY B 186 -19.89 11.68 -25.83
C GLY B 186 -19.32 11.18 -27.14
N LYS B 187 -18.00 10.93 -27.11
CA LYS B 187 -17.27 10.58 -28.32
C LYS B 187 -17.84 9.32 -28.97
N VAL B 188 -18.08 8.27 -28.18
CA VAL B 188 -18.50 6.99 -28.75
C VAL B 188 -19.91 7.10 -29.32
N SER B 189 -20.82 7.75 -28.58
CA SER B 189 -22.20 7.90 -29.06
C SER B 189 -22.27 8.80 -30.29
N ALA B 190 -21.55 9.93 -30.27
CA ALA B 190 -21.57 10.84 -31.40
C ALA B 190 -21.10 10.13 -32.66
N ALA B 191 -20.03 9.34 -32.55
CA ALA B 191 -19.53 8.61 -33.71
C ALA B 191 -20.51 7.53 -34.16
N LYS B 192 -21.18 6.87 -33.22
CA LYS B 192 -22.18 5.86 -33.60
C LYS B 192 -23.34 6.51 -34.35
N LEU B 193 -23.81 7.67 -33.87
CA LEU B 193 -24.82 8.44 -34.57
C LEU B 193 -24.34 8.88 -35.94
N GLU B 194 -23.12 9.42 -36.01
CA GLU B 194 -22.54 9.85 -37.28
C GLU B 194 -22.49 8.69 -38.27
N ALA B 195 -22.11 7.50 -37.80
CA ALA B 195 -22.02 6.34 -38.67
C ALA B 195 -23.36 6.02 -39.33
N MET B 196 -24.47 6.44 -38.73
CA MET B 196 -25.77 6.25 -39.36
C MET B 196 -26.35 7.56 -39.87
N GLY B 197 -25.51 8.57 -40.13
CA GLY B 197 -25.96 9.80 -40.75
C GLY B 197 -26.67 10.78 -39.83
N LEU B 198 -26.64 10.57 -38.52
CA LEU B 198 -27.29 11.46 -37.57
C LEU B 198 -26.22 12.38 -36.99
N ARG B 199 -26.26 13.65 -37.34
CA ARG B 199 -25.29 14.62 -36.83
C ARG B 199 -25.91 15.66 -35.92
N THR B 200 -27.12 16.13 -36.22
CA THR B 200 -27.76 17.21 -35.49
C THR B 200 -29.09 16.76 -34.92
N CYS B 201 -29.63 17.58 -34.02
CA CYS B 201 -30.98 17.32 -33.53
C CYS B 201 -31.99 17.33 -34.67
N GLY B 202 -31.76 18.16 -35.69
CA GLY B 202 -32.64 18.16 -36.85
C GLY B 202 -32.70 16.80 -37.53
N ASP B 203 -31.54 16.14 -37.67
CA ASP B 203 -31.50 14.79 -38.22
C ASP B 203 -32.33 13.82 -37.38
N VAL B 204 -32.18 13.88 -36.05
CA VAL B 204 -32.88 12.93 -35.17
C VAL B 204 -34.39 13.19 -35.15
N GLN B 205 -34.81 14.44 -35.35
CA GLN B 205 -36.25 14.71 -35.43
C GLN B 205 -36.89 13.96 -36.59
N LYS B 206 -36.14 13.69 -37.65
CA LYS B 206 -36.67 12.93 -38.77
C LYS B 206 -36.64 11.43 -38.53
N CYS B 207 -36.26 10.99 -37.33
CA CYS B 207 -36.08 9.58 -37.01
C CYS B 207 -37.28 9.01 -36.25
N ASP B 208 -37.45 7.71 -36.38
CA ASP B 208 -38.51 6.97 -35.71
C ASP B 208 -38.07 6.61 -34.29
N LEU B 209 -38.95 6.86 -33.31
CA LEU B 209 -38.60 6.60 -31.92
C LEU B 209 -38.32 5.13 -31.66
N VAL B 210 -39.11 4.23 -32.27
CA VAL B 210 -38.85 2.81 -32.02
C VAL B 210 -37.52 2.39 -32.64
N MET B 211 -37.12 3.00 -33.76
CA MET B 211 -35.79 2.69 -34.30
C MET B 211 -34.71 3.07 -33.31
N LEU B 212 -34.80 4.28 -32.74
CA LEU B 212 -33.82 4.75 -31.76
C LEU B 212 -33.89 3.94 -30.47
N LEU B 213 -35.07 3.44 -30.11
CA LEU B 213 -35.13 2.51 -28.98
C LEU B 213 -34.49 1.17 -29.33
N LYS B 214 -34.65 0.72 -30.58
CA LYS B 214 -34.07 -0.56 -31.00
C LYS B 214 -32.55 -0.55 -30.82
N ARG B 215 -31.87 0.37 -31.49
CA ARG B 215 -30.51 0.69 -31.11
C ARG B 215 -30.55 1.50 -29.81
N PHE B 216 -29.40 1.89 -29.31
CA PHE B 216 -29.33 2.88 -28.23
C PHE B 216 -30.10 2.54 -26.94
N GLY B 217 -31.25 1.87 -27.05
CA GLY B 217 -32.02 1.55 -25.85
C GLY B 217 -32.60 2.79 -25.19
N LYS B 218 -32.48 2.87 -23.87
CA LYS B 218 -33.02 4.02 -23.14
C LYS B 218 -32.39 5.32 -23.61
N PHE B 219 -31.09 5.31 -23.85
CA PHE B 219 -30.42 6.46 -24.45
C PHE B 219 -31.11 6.89 -25.74
N GLY B 220 -31.69 5.94 -26.47
CA GLY B 220 -32.44 6.28 -27.67
C GLY B 220 -33.65 7.15 -27.38
N ARG B 221 -34.26 6.97 -26.20
CA ARG B 221 -35.36 7.84 -25.83
C ARG B 221 -34.85 9.23 -25.44
N ILE B 222 -33.75 9.30 -24.70
CA ILE B 222 -33.17 10.59 -24.35
C ILE B 222 -32.83 11.38 -25.62
N LEU B 223 -32.13 10.74 -26.56
CA LEU B 223 -31.84 11.35 -27.85
C LEU B 223 -33.12 11.89 -28.50
N TRP B 224 -34.17 11.06 -28.56
CA TRP B 224 -35.41 11.48 -29.19
C TRP B 224 -35.99 12.72 -28.51
N GLU B 225 -36.02 12.74 -27.16
CA GLU B 225 -36.59 13.87 -26.44
C GLU B 225 -35.75 15.12 -26.62
N ARG B 226 -34.46 15.04 -26.26
CA ARG B 226 -33.61 16.21 -26.29
C ARG B 226 -33.62 16.87 -27.66
N SER B 227 -33.69 16.06 -28.74
CA SER B 227 -33.70 16.61 -30.08
C SER B 227 -34.93 17.45 -30.37
N GLN B 228 -35.96 17.33 -29.54
CA GLN B 228 -37.15 18.17 -29.61
C GLN B 228 -37.20 19.19 -28.49
N GLY B 229 -36.10 19.39 -27.78
CA GLY B 229 -36.16 20.30 -26.65
C GLY B 229 -36.93 19.78 -25.47
N ILE B 230 -37.23 18.49 -25.44
CA ILE B 230 -37.91 17.89 -24.29
C ILE B 230 -36.85 17.46 -23.28
N ASP B 231 -37.01 17.93 -22.05
CA ASP B 231 -36.11 17.58 -20.95
C ASP B 231 -36.82 17.97 -19.65
N GLU B 232 -37.56 17.03 -19.08
CA GLU B 232 -38.34 17.30 -17.90
C GLU B 232 -37.60 17.00 -16.61
N ARG B 233 -36.29 16.80 -16.67
CA ARG B 233 -35.52 16.61 -15.45
C ARG B 233 -35.66 17.83 -14.55
N ASP B 234 -36.19 17.62 -13.35
CA ASP B 234 -36.36 18.68 -12.37
C ASP B 234 -35.03 19.01 -11.70
N VAL B 235 -34.77 20.30 -11.50
CA VAL B 235 -33.63 20.71 -10.69
C VAL B 235 -33.81 20.12 -9.30
N ASN B 236 -32.80 19.37 -8.84
CA ASN B 236 -32.88 18.60 -7.60
C ASN B 236 -31.82 19.14 -6.64
N SER B 237 -32.26 19.75 -5.56
CA SER B 237 -31.35 20.32 -4.57
C SER B 237 -31.02 19.34 -3.44
N GLU B 238 -31.49 18.10 -3.53
CA GLU B 238 -31.36 17.13 -2.44
C GLU B 238 -30.45 15.95 -2.78
N ARG B 239 -29.55 16.10 -3.76
CA ARG B 239 -28.69 14.99 -4.15
C ARG B 239 -27.56 14.80 -3.14
N LEU B 240 -27.28 13.54 -2.81
CA LEU B 240 -26.16 13.17 -1.95
C LEU B 240 -25.22 12.27 -2.72
N ARG B 241 -23.92 12.38 -2.42
CA ARG B 241 -22.94 11.46 -2.96
C ARG B 241 -23.25 10.02 -2.53
N LYS B 242 -23.04 9.09 -3.45
CA LYS B 242 -23.32 7.67 -3.21
C LYS B 242 -22.07 6.82 -3.08
N SER B 243 -20.90 7.36 -3.37
CA SER B 243 -19.67 6.57 -3.28
C SER B 243 -18.52 7.47 -2.88
N VAL B 244 -17.44 6.84 -2.43
CA VAL B 244 -16.20 7.50 -2.02
C VAL B 244 -15.06 6.58 -2.40
N GLY B 245 -14.08 7.11 -3.13
CA GLY B 245 -12.95 6.32 -3.56
C GLY B 245 -11.66 7.09 -3.40
N VAL B 246 -10.57 6.34 -3.24
CA VAL B 246 -9.22 6.86 -3.28
C VAL B 246 -8.43 5.95 -4.22
N GLU B 247 -7.64 6.55 -5.12
CA GLU B 247 -6.84 5.74 -6.03
C GLU B 247 -5.61 6.51 -6.48
N ARG B 248 -4.56 5.77 -6.86
CA ARG B 248 -3.33 6.41 -7.30
C ARG B 248 -2.73 5.68 -8.49
N THR B 249 -2.22 6.46 -9.44
CA THR B 249 -1.41 5.93 -10.53
C THR B 249 0.05 6.08 -10.13
N MET B 250 0.78 4.97 -10.09
CA MET B 250 2.19 5.01 -9.73
C MET B 250 3.05 5.47 -10.91
N ALA B 251 4.20 6.06 -10.59
CA ALA B 251 5.11 6.51 -11.65
C ALA B 251 5.64 5.33 -12.47
N GLU B 252 5.77 4.17 -11.85
CA GLU B 252 6.23 2.96 -12.53
C GLU B 252 5.26 1.84 -12.20
N ASP B 253 5.02 0.96 -13.17
CA ASP B 253 4.14 -0.18 -12.92
C ASP B 253 4.70 -1.04 -11.80
N ILE B 254 3.81 -1.65 -11.01
CA ILE B 254 4.26 -2.59 -10.00
C ILE B 254 4.04 -4.01 -10.52
N HIS B 255 4.85 -4.94 -10.02
CA HIS B 255 4.80 -6.32 -10.45
C HIS B 255 4.84 -7.31 -9.31
N HIS B 256 4.86 -6.84 -8.06
CA HIS B 256 4.93 -7.71 -6.89
C HIS B 256 3.74 -7.43 -5.98
N TRP B 257 3.12 -8.50 -5.49
CA TRP B 257 1.97 -8.35 -4.60
C TRP B 257 2.29 -7.43 -3.42
N SER B 258 3.48 -7.55 -2.83
CA SER B 258 3.84 -6.74 -1.67
C SER B 258 3.81 -5.24 -1.98
N GLU B 259 4.09 -4.86 -3.23
CA GLU B 259 3.95 -3.46 -3.62
C GLU B 259 2.48 -3.06 -3.64
N CYS B 260 1.61 -3.94 -4.12
CA CYS B 260 0.18 -3.63 -4.12
C CYS B 260 -0.33 -3.44 -2.69
N GLU B 261 -0.01 -4.39 -1.81
CA GLU B 261 -0.44 -4.26 -0.43
C GLU B 261 0.13 -3.00 0.19
N ALA B 262 1.40 -2.71 -0.08
CA ALA B 262 2.02 -1.52 0.50
C ALA B 262 1.27 -0.26 0.06
N ILE B 263 0.81 -0.22 -1.20
CA ILE B 263 0.05 0.93 -1.68
C ILE B 263 -1.32 0.98 -1.03
N ILE B 264 -1.95 -0.19 -0.83
CA ILE B 264 -3.23 -0.20 -0.13
C ILE B 264 -3.08 0.39 1.27
N GLU B 265 -2.00 0.03 1.97
CA GLU B 265 -1.79 0.56 3.32
C GLU B 265 -1.68 2.07 3.31
N ARG B 266 -1.12 2.64 2.23
CA ARG B 266 -1.03 4.09 2.11
C ARG B 266 -2.38 4.69 1.75
N LEU B 267 -3.17 3.98 0.95
CA LEU B 267 -4.45 4.54 0.53
C LEU B 267 -5.51 4.45 1.62
N TYR B 268 -5.46 3.42 2.47
CA TYR B 268 -6.57 3.21 3.39
C TYR B 268 -6.80 4.39 4.35
N PRO B 269 -5.77 4.97 5.01
CA PRO B 269 -6.06 6.07 5.94
C PRO B 269 -6.78 7.24 5.30
N GLU B 270 -6.44 7.56 4.05
CA GLU B 270 -7.12 8.64 3.33
C GLU B 270 -8.57 8.31 3.06
N LEU B 271 -8.86 7.08 2.62
CA LEU B 271 -10.24 6.68 2.43
C LEU B 271 -11.02 6.81 3.72
N GLU B 272 -10.43 6.35 4.83
CA GLU B 272 -11.12 6.40 6.12
C GLU B 272 -11.46 7.83 6.50
N ARG B 273 -10.47 8.73 6.42
CA ARG B 273 -10.69 10.15 6.67
C ARG B 273 -11.89 10.68 5.90
N ARG B 274 -11.95 10.38 4.59
CA ARG B 274 -12.98 10.99 3.75
C ARG B 274 -14.35 10.39 4.02
N LEU B 275 -14.44 9.07 4.21
CA LEU B 275 -15.70 8.46 4.58
C LEU B 275 -16.17 8.96 5.94
N ALA B 276 -15.22 9.22 6.85
CA ALA B 276 -15.57 9.69 8.19
C ALA B 276 -16.20 11.06 8.17
N LYS B 277 -15.94 11.88 7.15
CA LYS B 277 -16.55 13.20 7.09
C LYS B 277 -18.04 13.11 6.82
N VAL B 278 -18.46 12.18 5.96
CA VAL B 278 -19.87 12.04 5.60
C VAL B 278 -20.56 10.88 6.31
N LYS B 279 -19.83 10.07 7.07
CA LYS B 279 -20.42 8.92 7.75
C LYS B 279 -19.52 8.60 8.94
N PRO B 280 -19.71 9.28 10.07
CA PRO B 280 -18.83 9.08 11.24
C PRO B 280 -18.56 7.63 11.61
N ASP B 281 -19.60 6.77 11.58
CA ASP B 281 -19.50 5.40 12.03
C ASP B 281 -19.02 4.43 10.95
N LEU B 282 -18.62 4.93 9.78
CA LEU B 282 -18.02 4.16 8.69
C LEU B 282 -18.92 3.02 8.20
N LEU B 283 -20.22 3.09 8.45
CA LEU B 283 -21.13 2.05 7.97
C LEU B 283 -21.43 2.27 6.49
N ILE B 284 -21.31 1.21 5.69
CA ILE B 284 -21.40 1.27 4.23
C ILE B 284 -22.25 0.11 3.73
N ALA B 285 -22.48 0.09 2.41
CA ALA B 285 -23.20 -0.98 1.72
C ALA B 285 -22.25 -1.96 1.04
N ARG B 286 -21.25 -1.44 0.32
CA ARG B 286 -20.27 -2.23 -0.39
C ARG B 286 -18.90 -1.59 -0.23
N GLN B 287 -17.87 -2.41 -0.38
CA GLN B 287 -16.52 -1.88 -0.50
C GLN B 287 -15.74 -2.80 -1.43
N GLY B 288 -14.64 -2.27 -1.96
CA GLY B 288 -13.80 -3.08 -2.81
C GLY B 288 -12.68 -2.30 -3.41
N VAL B 289 -12.08 -2.88 -4.44
CA VAL B 289 -10.77 -2.46 -4.93
C VAL B 289 -10.84 -2.28 -6.44
N LYS B 290 -9.86 -1.55 -6.96
CA LYS B 290 -9.67 -1.33 -8.38
C LYS B 290 -8.20 -1.55 -8.73
N LEU B 291 -7.96 -2.26 -9.84
CA LEU B 291 -6.61 -2.34 -10.42
C LEU B 291 -6.70 -1.94 -11.88
N LYS B 292 -5.70 -1.18 -12.35
CA LYS B 292 -5.57 -0.86 -13.77
C LYS B 292 -4.21 -1.35 -14.24
N PHE B 293 -4.18 -2.09 -15.34
CA PHE B 293 -2.99 -2.80 -15.78
C PHE B 293 -2.23 -1.95 -16.80
N ASP B 294 -1.07 -2.45 -17.21
CA ASP B 294 -0.19 -1.68 -18.08
C ASP B 294 -0.79 -1.44 -19.46
N ASP B 295 -1.75 -2.24 -19.88
CA ASP B 295 -2.45 -2.04 -21.15
C ASP B 295 -3.67 -1.13 -21.01
N PHE B 296 -3.81 -0.46 -19.86
CA PHE B 296 -4.93 0.42 -19.56
C PHE B 296 -6.25 -0.32 -19.41
N GLN B 297 -6.23 -1.66 -19.41
CA GLN B 297 -7.39 -2.39 -18.94
C GLN B 297 -7.51 -2.19 -17.43
N GLN B 298 -8.74 -2.16 -16.95
CA GLN B 298 -8.93 -2.06 -15.52
C GLN B 298 -10.05 -3.00 -15.07
N THR B 299 -9.99 -3.37 -13.80
CA THR B 299 -10.97 -4.25 -13.19
C THR B 299 -11.28 -3.73 -11.80
N THR B 300 -12.53 -3.96 -11.38
CA THR B 300 -13.01 -3.65 -10.05
C THR B 300 -13.59 -4.92 -9.44
N GLN B 301 -13.33 -5.12 -8.16
CA GLN B 301 -13.88 -6.25 -7.41
C GLN B 301 -14.42 -5.69 -6.10
N GLU B 302 -15.75 -5.70 -5.96
CA GLU B 302 -16.43 -5.11 -4.83
C GLU B 302 -17.51 -6.08 -4.36
N HIS B 303 -17.87 -5.98 -3.09
CA HIS B 303 -18.85 -6.88 -2.48
C HIS B 303 -19.57 -6.20 -1.33
N VAL B 304 -20.82 -6.64 -1.08
CA VAL B 304 -21.60 -6.28 0.10
C VAL B 304 -20.71 -6.34 1.34
N TRP B 305 -20.70 -5.27 2.12
CA TRP B 305 -19.89 -5.23 3.33
C TRP B 305 -20.40 -4.13 4.24
N PRO B 306 -20.58 -4.40 5.54
CA PRO B 306 -21.34 -3.47 6.40
C PRO B 306 -20.55 -2.25 6.85
N ARG B 307 -19.23 -2.31 6.83
CA ARG B 307 -18.43 -1.29 7.48
C ARG B 307 -17.03 -1.30 6.86
N LEU B 308 -16.51 -0.10 6.57
CA LEU B 308 -15.18 0.02 5.99
C LEU B 308 -14.18 -0.81 6.79
N ASN B 309 -13.35 -1.57 6.08
CA ASN B 309 -12.49 -2.55 6.75
C ASN B 309 -11.23 -2.81 5.94
N LYS B 310 -10.06 -2.48 6.50
CA LYS B 310 -8.81 -2.60 5.76
C LYS B 310 -8.46 -4.05 5.47
N ALA B 311 -8.57 -4.93 6.47
CA ALA B 311 -8.27 -6.34 6.28
C ALA B 311 -9.04 -6.94 5.10
N ASP B 312 -10.33 -6.58 4.97
CA ASP B 312 -11.14 -7.11 3.88
C ASP B 312 -10.75 -6.52 2.52
N LEU B 313 -10.32 -5.25 2.50
CA LEU B 313 -9.83 -4.67 1.25
C LEU B 313 -8.60 -5.40 0.76
N ILE B 314 -7.66 -5.69 1.67
CA ILE B 314 -6.42 -6.36 1.30
C ILE B 314 -6.70 -7.77 0.83
N ALA B 315 -7.55 -8.50 1.56
CA ALA B 315 -7.92 -9.84 1.12
C ALA B 315 -8.58 -9.80 -0.26
N THR B 316 -9.43 -8.79 -0.50
CA THR B 316 -10.08 -8.65 -1.80
C THR B 316 -9.06 -8.34 -2.89
N ALA B 317 -8.17 -7.38 -2.65
CA ALA B 317 -7.16 -7.05 -3.64
C ALA B 317 -6.25 -8.24 -3.94
N ARG B 318 -5.97 -9.08 -2.95
CA ARG B 318 -5.14 -10.25 -3.21
C ARG B 318 -5.82 -11.16 -4.22
N LYS B 319 -7.14 -11.31 -4.09
CA LYS B 319 -7.90 -12.10 -5.04
C LYS B 319 -7.88 -11.47 -6.43
N THR B 320 -8.07 -10.14 -6.49
CA THR B 320 -8.03 -9.44 -7.77
C THR B 320 -6.65 -9.59 -8.43
N TRP B 321 -5.60 -9.27 -7.67
CA TRP B 321 -4.23 -9.47 -8.11
C TRP B 321 -3.97 -10.90 -8.60
N ASP B 322 -4.38 -11.90 -7.82
CA ASP B 322 -4.06 -13.28 -8.16
C ASP B 322 -4.86 -13.77 -9.35
N GLU B 323 -6.10 -13.33 -9.48
CA GLU B 323 -7.01 -13.94 -10.46
C GLU B 323 -7.19 -13.14 -11.74
N ARG B 324 -7.03 -11.81 -11.69
CA ARG B 324 -7.34 -10.96 -12.84
C ARG B 324 -6.13 -10.27 -13.46
N ARG B 325 -4.98 -10.25 -12.78
CA ARG B 325 -3.84 -9.50 -13.27
C ARG B 325 -3.29 -10.13 -14.55
N GLY B 326 -3.31 -11.46 -14.63
CA GLY B 326 -2.84 -12.14 -15.83
C GLY B 326 -1.37 -11.94 -16.08
N GLY B 327 -0.57 -11.72 -15.03
CA GLY B 327 0.84 -11.48 -15.20
C GLY B 327 1.19 -10.09 -15.68
N ARG B 328 0.22 -9.21 -15.88
CA ARG B 328 0.51 -7.86 -16.31
C ARG B 328 1.03 -7.00 -15.17
N GLY B 329 1.65 -5.88 -15.54
CA GLY B 329 1.99 -4.87 -14.58
C GLY B 329 0.78 -4.05 -14.22
N VAL B 330 0.82 -3.44 -13.04
CA VAL B 330 -0.29 -2.65 -12.53
C VAL B 330 0.16 -1.20 -12.42
N ARG B 331 -0.55 -0.30 -13.09
CA ARG B 331 -0.23 1.13 -13.02
C ARG B 331 -1.05 1.89 -11.99
N LEU B 332 -2.19 1.36 -11.55
CA LEU B 332 -3.06 2.05 -10.61
C LEU B 332 -3.65 1.05 -9.61
N VAL B 333 -3.74 1.47 -8.34
CA VAL B 333 -4.46 0.75 -7.29
C VAL B 333 -5.49 1.70 -6.70
N GLY B 334 -6.71 1.21 -6.49
CA GLY B 334 -7.77 2.04 -5.95
C GLY B 334 -8.58 1.30 -4.89
N LEU B 335 -9.09 2.08 -3.94
CA LEU B 335 -10.04 1.59 -2.94
C LEU B 335 -11.38 2.29 -3.11
N HIS B 336 -12.46 1.60 -2.74
CA HIS B 336 -13.79 2.08 -3.07
C HIS B 336 -14.83 1.61 -2.04
N VAL B 337 -15.81 2.47 -1.79
CA VAL B 337 -17.00 2.13 -1.02
C VAL B 337 -18.21 2.69 -1.72
N THR B 338 -19.34 2.01 -1.56
CA THR B 338 -20.63 2.59 -1.92
C THR B 338 -21.45 2.77 -0.64
N LEU B 339 -22.03 3.95 -0.47
CA LEU B 339 -22.72 4.28 0.78
C LEU B 339 -24.09 3.59 0.84
N LEU B 340 -24.68 3.62 2.04
CA LEU B 340 -26.04 3.12 2.24
C LEU B 340 -27.04 4.07 1.59
N ASP B 341 -28.28 3.57 1.37
CA ASP B 341 -29.24 4.29 0.54
C ASP B 341 -29.85 5.52 1.22
N PRO B 342 -30.47 5.42 2.41
CA PRO B 342 -31.19 6.62 2.84
C PRO B 342 -30.55 7.34 4.03
#